data_9MIG
#
_entry.id   9MIG
#
_cell.length_a   1.00
_cell.length_b   1.00
_cell.length_c   1.00
_cell.angle_alpha   90.00
_cell.angle_beta   90.00
_cell.angle_gamma   90.00
#
_symmetry.space_group_name_H-M   'P 1'
#
loop_
_entity.id
_entity.type
_entity.pdbx_description
1 polymer 'NACHT, LRR and PYD domains-containing protein 3'
2 non-polymer "ADENOSINE-5'-TRIPHOSPHATE"
3 non-polymer (2P)-2-(4-{[(3R)-1-methylpiperidin-3-yl]amino}-5,6,7,8-tetrahydrophthalazin-1-yl)-5-(trifluoromethyl)phenol
#
_entity_poly.entity_id   1
_entity_poly.type   'polypeptide(L)'
_entity_poly.pdbx_seq_one_letter_code
;MKMASTRCKLARYLEDLEDVDLKKFKMHLEDYPPQKGCIPLPRGQTEKADHVDLATLMIDFNGEEKAWAMAVWIFAAINR
RDLYEKAKRDEPKWGSDNARVSNPTVICQEDSIEEEWMGLLEYLSRISICKMKKDYRKKYRKYVRSRFQCIEDRNARLGE
SVSLNKRYTRLRLIKEHRSQQEREQELLAIGKTKTCESPVSPIKMELLFDPDDEHSEPVHTVVFQGAAGIGKTILARKMM
LDWASGTLYQDRFDYLFYIHCREVSLVTQRSLGDLIMSCCPDPNPPIHKIVRKPSRILFLMDGFDELQGAFDEHIGPLCT
DWQKAERGDILLSSLIRKKLLPEASLLITTRPVALEKLQHLLDHPRHVEILGFSEAKRKEYFFKYFSDEAQARAAFSLIQ
ENEVLFTMCFIPLVCWIVCTGLKQQMESGKSLAQTSKTTTAVYVFFLSSLLQPRGGSQEHGLCAHLWGLCSLAADGIWNQ
KILFEESDLRNHGLQKADVSAFLRMNLFQKEVDCEKFYSFIHMTFQEFFAAMYYLLEEEKEGRTNVPGSRLKLPSRDVTV
LLENYGKFEKGYLIFVVRFLFGLVNQERTSYLEKKLSCKISQQIRLELLKWIEVKAKAKKLQIQPSQLELFYCLYEMQEE
DFVQRAMDYFPKIEINLSTRMDHMVSSFCIENCHRVESLSLGFLHNMPKEEEEEEKEGRHLDMVQCVLPSSSHAACSHGL
VNSHLTSSFCRGLFSVLSTSQSLTELDLSDNSLGDPGMRVLCETLQHPGCNIRRLWLGRCGLSHECCFDISLVLSSNQKL
VELDLSDNALGDFGIRLLCVGLKHLLCNLKKLWLVSCCLTSACCQDLASVLSTSHSLTRLYVGENALGDSGVAILCEKAK
NPQCNLQKLGLVNSGLTSVCCSALSSVLSTNQNLTHLYLRGNTLGDKGIKLLCEGLLHPDCKLQVLELDNCNLTSHCCWD
LSTLLTSSQSLRKLSLGNNDLGDLGVMMFCEVLKQQSCLLQNLGLSEMYFNYETKSALETLQEEKPELTVVFEPSW
;
_entity_poly.pdbx_strand_id   C
#
loop_
_chem_comp.id
_chem_comp.type
_chem_comp.name
_chem_comp.formula
A1BLQ non-polymer (2P)-2-(4-{[(3R)-1-methylpiperidin-3-yl]amino}-5,6,7,8-tetrahydrophthalazin-1-yl)-5-(trifluoromethyl)phenol 'C21 H25 F3 N4 O'
ATP non-polymer ADENOSINE-5'-TRIPHOSPHATE 'C10 H16 N5 O13 P3'
#
# COMPACT_ATOMS: atom_id res chain seq x y z
N LYS A 133 -49.67 11.24 20.66
CA LYS A 133 -49.51 12.52 21.34
C LYS A 133 -48.17 13.15 21.05
N LYS A 134 -47.27 13.14 22.03
CA LYS A 134 -45.95 13.70 21.85
C LYS A 134 -45.06 12.76 21.03
N ASP A 135 -44.24 13.34 20.16
CA ASP A 135 -43.29 12.57 19.38
C ASP A 135 -42.08 12.22 20.24
N TYR A 136 -41.36 11.18 19.83
CA TYR A 136 -40.15 10.75 20.53
C TYR A 136 -38.91 11.30 19.85
N ARG A 137 -39.00 11.52 18.54
CA ARG A 137 -37.83 11.96 17.77
C ARG A 137 -37.26 13.26 18.32
N LYS A 138 -38.14 14.16 18.75
CA LYS A 138 -37.70 15.43 19.29
C LYS A 138 -36.96 15.26 20.62
N LYS A 139 -37.41 14.29 21.42
CA LYS A 139 -36.79 14.05 22.72
C LYS A 139 -35.42 13.41 22.53
N TYR A 140 -35.32 12.49 21.58
CA TYR A 140 -34.06 11.84 21.29
C TYR A 140 -33.05 12.85 20.73
N ARG A 141 -33.48 13.68 19.79
CA ARG A 141 -32.58 14.68 19.24
C ARG A 141 -32.07 15.61 20.32
N LYS A 142 -32.93 16.00 21.26
CA LYS A 142 -32.51 16.86 22.36
C LYS A 142 -31.44 16.17 23.19
N TYR A 143 -31.65 14.90 23.49
CA TYR A 143 -30.68 14.12 24.25
C TYR A 143 -29.33 14.08 23.56
N VAL A 144 -29.31 13.81 22.26
CA VAL A 144 -28.06 13.74 21.52
C VAL A 144 -27.35 15.09 21.53
N ARG A 145 -28.09 16.18 21.32
CA ARG A 145 -27.47 17.49 21.34
C ARG A 145 -26.82 17.77 22.68
N SER A 146 -27.52 17.43 23.76
CA SER A 146 -27.01 17.70 25.10
C SER A 146 -25.80 16.86 25.46
N ARG A 147 -25.81 15.59 25.06
CA ARG A 147 -24.73 14.68 25.41
C ARG A 147 -23.46 14.90 24.60
N PHE A 148 -23.58 14.97 23.28
CA PHE A 148 -22.40 15.06 22.42
C PHE A 148 -21.90 16.48 22.23
N GLN A 149 -21.39 17.07 23.32
CA GLN A 149 -20.88 18.44 23.30
C GLN A 149 -19.38 18.56 23.43
N CYS A 150 -18.71 17.52 23.90
CA CYS A 150 -17.28 17.61 24.16
C CYS A 150 -16.46 16.72 23.24
N ILE A 151 -15.19 17.05 23.09
CA ILE A 151 -14.29 16.22 22.29
C ILE A 151 -14.01 14.90 22.99
N GLU A 152 -13.75 14.95 24.30
CA GLU A 152 -13.48 13.75 25.08
C GLU A 152 -14.74 13.12 25.66
N ASP A 153 -15.70 13.96 26.03
CA ASP A 153 -16.90 13.53 26.76
C ASP A 153 -16.52 12.74 28.00
N ARG A 154 -15.46 13.18 28.66
CA ARG A 154 -14.95 12.54 29.87
C ARG A 154 -14.35 13.56 30.82
N ASN A 155 -14.15 13.14 32.06
CA ASN A 155 -13.53 13.97 33.07
C ASN A 155 -12.01 13.91 32.92
N ALA A 156 -11.30 14.37 33.95
CA ALA A 156 -9.85 14.39 34.02
C ALA A 156 -9.21 15.37 33.04
N ARG A 157 -9.99 16.25 32.42
CA ARG A 157 -9.39 17.21 31.50
C ARG A 157 -8.77 18.38 32.23
N LEU A 158 -7.66 18.12 32.90
CA LEU A 158 -6.88 19.13 33.62
C LEU A 158 -7.77 20.09 34.40
N GLY A 159 -8.51 19.58 35.38
CA GLY A 159 -9.45 20.39 36.13
C GLY A 159 -10.88 20.14 35.66
N GLU A 160 -11.06 19.11 34.85
CA GLU A 160 -12.35 18.71 34.31
C GLU A 160 -13.05 19.84 33.55
N SER A 161 -12.30 20.52 32.70
CA SER A 161 -12.86 21.59 31.88
C SER A 161 -13.63 21.03 30.69
N VAL A 162 -14.35 21.91 30.00
CA VAL A 162 -15.11 21.52 28.82
C VAL A 162 -14.31 21.82 27.56
N SER A 163 -14.05 20.78 26.76
CA SER A 163 -13.25 20.91 25.55
C SER A 163 -13.96 21.70 24.47
N LEU A 164 -15.28 21.55 24.43
CA LEU A 164 -16.16 22.20 23.45
C LEU A 164 -15.90 21.71 22.03
N ASN A 165 -16.91 21.09 21.42
CA ASN A 165 -16.77 20.58 20.05
C ASN A 165 -16.60 21.68 19.02
N LYS A 166 -16.76 22.94 19.43
CA LYS A 166 -16.55 24.06 18.52
C LYS A 166 -15.08 24.14 18.14
N ARG A 167 -14.24 23.46 18.93
CA ARG A 167 -12.80 23.41 18.75
C ARG A 167 -12.41 22.42 17.66
N TYR A 168 -13.36 21.62 17.20
CA TYR A 168 -13.10 20.61 16.20
C TYR A 168 -12.55 21.19 14.92
N THR A 169 -11.45 20.60 14.44
CA THR A 169 -10.86 20.98 13.18
C THR A 169 -11.22 19.96 12.11
N ARG A 170 -11.75 20.43 10.99
CA ARG A 170 -12.22 19.53 9.94
C ARG A 170 -11.10 18.66 9.39
N LEU A 171 -11.40 17.37 9.22
CA LEU A 171 -10.47 16.43 8.62
C LEU A 171 -10.94 16.12 7.21
N ARG A 172 -10.00 15.92 6.30
CA ARG A 172 -10.36 15.62 4.92
C ARG A 172 -10.72 14.15 4.73
N LEU A 173 -11.74 13.91 3.92
CA LEU A 173 -12.18 12.57 3.60
C LEU A 173 -11.89 12.24 2.14
N ILE A 174 -11.09 11.21 1.92
CA ILE A 174 -10.73 10.83 0.56
C ILE A 174 -11.32 9.46 0.22
N LYS A 175 -12.07 9.39 -0.87
CA LYS A 175 -12.67 8.12 -1.27
C LYS A 175 -11.59 7.18 -1.78
N GLU A 176 -11.62 5.94 -1.33
CA GLU A 176 -10.64 4.95 -1.77
C GLU A 176 -11.15 4.19 -2.98
N SER A 201 -9.82 11.87 -4.47
CA SER A 201 -11.24 12.10 -4.65
C SER A 201 -11.90 12.55 -3.34
N PRO A 202 -11.79 13.84 -2.99
CA PRO A 202 -12.38 14.47 -1.83
C PRO A 202 -13.89 14.34 -1.83
N ILE A 203 -14.44 14.04 -0.65
CA ILE A 203 -15.88 13.92 -0.48
C ILE A 203 -16.34 14.71 0.74
N LYS A 204 -17.64 14.87 0.89
CA LYS A 204 -18.21 15.61 2.01
C LYS A 204 -18.65 14.66 3.13
N MET A 205 -18.94 15.22 4.31
CA MET A 205 -19.49 14.41 5.41
C MET A 205 -20.86 13.89 5.02
N GLU A 206 -21.59 14.67 4.22
CA GLU A 206 -22.87 14.23 3.68
C GLU A 206 -22.63 13.60 2.32
N LEU A 207 -23.70 13.11 1.69
CA LEU A 207 -23.61 12.43 0.39
C LEU A 207 -22.82 11.11 0.46
N LEU A 208 -22.61 10.60 1.68
CA LEU A 208 -21.85 9.36 1.85
C LEU A 208 -22.64 8.14 1.42
N PHE A 209 -23.96 8.19 1.60
CA PHE A 209 -24.78 7.02 1.33
C PHE A 209 -25.49 7.11 -0.01
N ASP A 210 -25.28 8.22 -0.72
CA ASP A 210 -25.91 8.43 -2.01
C ASP A 210 -25.38 7.47 -3.07
N PRO A 211 -26.19 7.11 -4.07
CA PRO A 211 -25.82 6.37 -5.26
C PRO A 211 -24.71 7.09 -6.01
N ASP A 212 -23.81 6.32 -6.61
CA ASP A 212 -22.70 6.88 -7.35
C ASP A 212 -23.03 7.06 -8.85
N ASP A 213 -22.00 7.32 -9.65
CA ASP A 213 -22.13 7.75 -11.04
C ASP A 213 -22.86 6.78 -11.98
N GLU A 214 -22.73 5.48 -11.76
CA GLU A 214 -23.34 4.52 -12.69
C GLU A 214 -24.12 3.45 -11.94
N HIS A 215 -25.14 2.89 -12.60
CA HIS A 215 -26.02 1.86 -12.02
C HIS A 215 -26.97 2.44 -10.97
N SER A 216 -26.59 3.57 -10.37
CA SER A 216 -27.39 4.28 -9.38
C SER A 216 -27.77 3.39 -8.21
N GLU A 217 -26.82 2.56 -7.77
CA GLU A 217 -27.05 1.69 -6.61
C GLU A 217 -26.74 2.44 -5.32
N PRO A 218 -27.64 2.43 -4.33
CA PRO A 218 -27.53 3.10 -3.05
C PRO A 218 -26.49 2.42 -2.18
N VAL A 219 -25.92 3.16 -1.23
CA VAL A 219 -24.91 2.61 -0.35
C VAL A 219 -25.43 2.43 1.06
N HIS A 220 -25.44 1.21 1.54
CA HIS A 220 -25.90 0.93 2.90
C HIS A 220 -24.78 1.05 3.91
N THR A 221 -23.58 0.64 3.51
CA THR A 221 -22.46 0.59 4.43
C THR A 221 -21.31 1.48 3.99
N VAL A 222 -20.85 2.31 4.91
CA VAL A 222 -19.71 3.18 4.69
C VAL A 222 -18.64 2.88 5.72
N VAL A 223 -17.40 2.69 5.28
CA VAL A 223 -16.34 2.34 6.21
C VAL A 223 -15.26 3.40 6.22
N PHE A 224 -15.01 3.98 7.38
CA PHE A 224 -13.98 4.97 7.56
C PHE A 224 -12.75 4.33 8.15
N GLN A 225 -11.58 4.64 7.61
CA GLN A 225 -10.38 4.08 8.15
C GLN A 225 -9.27 5.11 8.34
N GLY A 226 -8.41 4.85 9.30
CA GLY A 226 -7.24 5.69 9.51
C GLY A 226 -6.37 5.23 10.67
N ALA A 227 -5.17 5.78 10.73
CA ALA A 227 -4.18 5.44 11.75
C ALA A 227 -4.60 5.89 13.14
N ALA A 228 -4.02 5.29 14.15
CA ALA A 228 -4.30 5.70 15.52
C ALA A 228 -3.94 7.16 15.71
N GLY A 229 -4.81 7.90 16.40
CA GLY A 229 -4.55 9.30 16.70
C GLY A 229 -5.08 10.27 15.64
N ILE A 230 -5.60 9.74 14.54
CA ILE A 230 -6.12 10.59 13.46
C ILE A 230 -7.41 11.30 13.87
N GLY A 231 -8.30 10.62 14.59
CA GLY A 231 -9.53 11.27 15.04
C GLY A 231 -10.80 10.69 14.45
N LYS A 232 -10.80 9.39 14.18
CA LYS A 232 -11.96 8.70 13.62
C LYS A 232 -13.20 8.89 14.49
N THR A 233 -13.00 8.77 15.81
CA THR A 233 -14.10 8.85 16.76
C THR A 233 -14.63 10.26 16.93
N ILE A 234 -13.77 11.26 16.77
CA ILE A 234 -14.23 12.63 16.94
C ILE A 234 -15.13 12.97 15.77
N LEU A 235 -14.74 12.52 14.59
CA LEU A 235 -15.57 12.73 13.41
C LEU A 235 -16.94 12.08 13.62
N ALA A 236 -16.96 10.87 14.17
CA ALA A 236 -18.22 10.18 14.44
C ALA A 236 -19.09 10.96 15.44
N ARG A 237 -18.45 11.50 16.48
CA ARG A 237 -19.18 12.30 17.46
C ARG A 237 -19.69 13.60 16.85
N LYS A 238 -18.91 14.19 15.95
CA LYS A 238 -19.32 15.41 15.28
C LYS A 238 -20.57 15.15 14.45
N MET A 239 -20.60 14.01 13.74
CA MET A 239 -21.76 13.67 12.93
C MET A 239 -23.02 13.54 13.79
N MET A 240 -22.89 12.94 14.97
CA MET A 240 -24.03 12.80 15.86
C MET A 240 -24.60 14.15 16.25
N LEU A 241 -23.72 15.10 16.55
CA LEU A 241 -24.18 16.43 16.94
C LEU A 241 -24.75 17.22 15.78
N ASP A 242 -24.09 17.19 14.62
CA ASP A 242 -24.58 17.96 13.48
C ASP A 242 -25.95 17.46 13.04
N TRP A 243 -26.16 16.16 13.14
CA TRP A 243 -27.47 15.61 12.84
C TRP A 243 -28.52 16.07 13.83
N ALA A 244 -28.21 15.97 15.11
CA ALA A 244 -29.18 16.34 16.15
C ALA A 244 -29.56 17.80 16.05
N SER A 245 -28.63 18.63 15.58
CA SER A 245 -28.86 20.05 15.40
C SER A 245 -29.64 20.35 14.11
N GLY A 246 -29.87 19.32 13.29
CA GLY A 246 -30.64 19.45 12.07
C GLY A 246 -29.88 20.00 10.86
N THR A 247 -28.56 19.87 10.83
CA THR A 247 -27.80 20.38 9.69
C THR A 247 -27.26 19.26 8.81
N LEU A 248 -27.11 18.08 9.38
CA LEU A 248 -26.56 16.93 8.66
C LEU A 248 -27.58 15.78 8.60
N TYR A 249 -27.88 15.31 7.39
CA TYR A 249 -28.85 14.24 7.18
C TYR A 249 -30.17 14.52 7.90
N GLN A 250 -30.68 15.73 7.78
CA GLN A 250 -31.89 16.12 8.48
C GLN A 250 -33.16 15.54 7.86
N ASP A 251 -33.04 14.99 6.66
CA ASP A 251 -34.19 14.48 5.93
C ASP A 251 -34.33 12.95 5.96
N ARG A 252 -33.28 12.25 5.56
CA ARG A 252 -33.33 10.80 5.37
C ARG A 252 -33.25 9.96 6.63
N PHE A 253 -32.69 10.48 7.73
CA PHE A 253 -32.57 9.66 8.93
C PHE A 253 -33.38 10.20 10.10
N ASP A 254 -34.21 9.35 10.68
CA ASP A 254 -34.99 9.73 11.86
C ASP A 254 -34.17 9.50 13.13
N TYR A 255 -33.32 8.48 13.11
CA TYR A 255 -32.48 8.20 14.28
C TYR A 255 -31.05 7.81 13.91
N LEU A 256 -30.11 8.28 14.72
CA LEU A 256 -28.74 7.83 14.67
C LEU A 256 -28.42 7.16 15.99
N PHE A 257 -28.00 5.91 15.93
CA PHE A 257 -27.70 5.19 17.16
C PHE A 257 -26.21 4.96 17.26
N TYR A 258 -25.59 5.59 18.26
CA TYR A 258 -24.14 5.51 18.41
C TYR A 258 -23.73 4.30 19.23
N ILE A 259 -22.91 3.45 18.65
CA ILE A 259 -22.41 2.25 19.31
C ILE A 259 -20.93 2.38 19.60
N HIS A 260 -20.56 2.31 20.87
CA HIS A 260 -19.16 2.44 21.23
C HIS A 260 -18.61 1.04 21.46
N CYS A 261 -17.77 0.58 20.54
CA CYS A 261 -17.30 -0.81 20.56
C CYS A 261 -16.48 -1.14 21.78
N ARG A 262 -15.81 -0.14 22.35
CA ARG A 262 -15.01 -0.33 23.55
C ARG A 262 -15.87 -0.87 24.69
N GLU A 263 -17.17 -0.56 24.66
CA GLU A 263 -18.09 -0.92 25.73
C GLU A 263 -18.93 -2.16 25.38
N VAL A 264 -18.62 -2.79 24.24
CA VAL A 264 -19.35 -3.97 23.81
C VAL A 264 -18.59 -5.25 24.07
N SER A 265 -19.21 -6.16 24.81
CA SER A 265 -18.60 -7.44 25.12
C SER A 265 -18.89 -8.48 24.05
N LEU A 266 -17.93 -9.35 23.80
CA LEU A 266 -18.07 -10.45 22.85
C LEU A 266 -18.32 -11.75 23.60
N VAL A 267 -18.57 -11.65 24.90
CA VAL A 267 -18.76 -12.82 25.75
C VAL A 267 -20.21 -13.02 26.17
N THR A 268 -20.88 -11.92 26.50
CA THR A 268 -22.23 -11.98 27.05
C THR A 268 -23.29 -12.17 25.99
N GLN A 269 -24.51 -12.50 26.44
CA GLN A 269 -25.66 -12.70 25.58
C GLN A 269 -26.68 -11.59 25.72
N ARG A 270 -27.07 -10.97 24.61
CA ARG A 270 -28.06 -9.91 24.64
C ARG A 270 -28.85 -9.79 23.33
N SER A 271 -30.05 -9.24 23.44
CA SER A 271 -30.89 -8.92 22.30
C SER A 271 -30.45 -7.58 21.74
N LEU A 272 -31.13 -7.09 20.72
CA LEU A 272 -30.74 -5.80 20.18
C LEU A 272 -31.33 -4.71 21.08
N GLY A 273 -30.81 -4.67 22.31
CA GLY A 273 -31.26 -3.76 23.35
C GLY A 273 -30.40 -2.52 23.38
N ASP A 274 -29.45 -2.43 22.46
CA ASP A 274 -28.61 -1.25 22.39
C ASP A 274 -29.37 -0.11 21.73
N LEU A 275 -30.58 -0.42 21.25
CA LEU A 275 -31.52 0.58 20.78
C LEU A 275 -32.16 1.26 21.98
N ILE A 276 -32.00 0.66 23.15
CA ILE A 276 -32.51 1.21 24.39
C ILE A 276 -31.38 1.90 25.14
N MET A 277 -30.23 1.23 25.23
CA MET A 277 -29.09 1.76 25.97
C MET A 277 -28.59 3.08 25.37
N SER A 278 -28.70 3.21 24.06
CA SER A 278 -28.25 4.42 23.36
C SER A 278 -29.32 5.52 23.35
N CYS A 279 -30.48 5.26 23.94
CA CYS A 279 -31.57 6.24 23.99
C CYS A 279 -31.50 7.15 25.19
N CYS A 280 -32.35 8.17 25.17
CA CYS A 280 -32.47 9.10 26.28
C CYS A 280 -32.73 8.30 27.56
N PRO A 281 -32.68 8.91 28.75
CA PRO A 281 -32.80 8.29 30.06
C PRO A 281 -34.08 7.47 30.26
N ASP A 282 -35.11 7.74 29.47
CA ASP A 282 -36.36 7.00 29.60
C ASP A 282 -36.13 5.52 29.29
N PRO A 283 -36.30 4.63 30.27
CA PRO A 283 -36.00 3.21 30.20
C PRO A 283 -36.95 2.42 29.30
N ASN A 284 -38.04 3.05 28.87
CA ASN A 284 -39.02 2.35 28.04
C ASN A 284 -39.39 3.11 26.76
N PRO A 285 -38.45 3.27 25.82
CA PRO A 285 -38.62 3.96 24.56
C PRO A 285 -39.53 3.15 23.64
N PRO A 286 -40.15 3.79 22.65
CA PRO A 286 -41.06 3.23 21.68
C PRO A 286 -40.31 2.42 20.61
N ILE A 287 -39.67 1.35 21.05
CA ILE A 287 -38.86 0.50 20.17
C ILE A 287 -39.71 -0.15 19.10
N HIS A 288 -40.98 -0.41 19.40
CA HIS A 288 -41.88 -1.08 18.46
C HIS A 288 -42.60 -0.12 17.52
N LYS A 289 -42.24 1.17 17.56
CA LYS A 289 -42.90 2.14 16.70
C LYS A 289 -41.97 2.57 15.57
N ILE A 290 -41.83 3.88 15.37
CA ILE A 290 -41.01 4.42 14.30
C ILE A 290 -39.55 3.96 14.39
N VAL A 291 -39.09 3.68 15.60
CA VAL A 291 -37.73 3.24 15.83
C VAL A 291 -37.45 1.90 15.14
N ARG A 292 -38.51 1.15 14.81
CA ARG A 292 -38.39 -0.15 14.20
C ARG A 292 -38.47 -0.10 12.67
N LYS A 293 -38.57 1.09 12.10
CA LYS A 293 -38.70 1.21 10.65
C LYS A 293 -37.33 1.29 9.95
N PRO A 294 -36.93 0.28 9.18
CA PRO A 294 -35.64 0.15 8.56
C PRO A 294 -35.53 1.17 7.45
N SER A 295 -34.29 1.57 7.15
CA SER A 295 -33.95 2.55 6.10
C SER A 295 -34.07 3.97 6.62
N ARG A 296 -34.65 4.14 7.81
CA ARG A 296 -34.76 5.47 8.41
C ARG A 296 -33.78 5.63 9.56
N ILE A 297 -32.96 4.61 9.80
CA ILE A 297 -32.00 4.68 10.89
C ILE A 297 -30.59 4.36 10.41
N LEU A 298 -29.61 4.98 11.07
CA LEU A 298 -28.20 4.71 10.81
C LEU A 298 -27.47 4.37 12.09
N PHE A 299 -26.76 3.25 12.08
CA PHE A 299 -25.96 2.86 13.22
C PHE A 299 -24.54 3.35 13.02
N LEU A 300 -23.93 3.84 14.08
CA LEU A 300 -22.52 4.23 14.02
C LEU A 300 -21.70 3.28 14.87
N MET A 301 -20.96 2.40 14.22
CA MET A 301 -20.19 1.38 14.92
C MET A 301 -18.75 1.86 15.06
N ASP A 302 -18.51 2.56 16.15
CA ASP A 302 -17.27 3.28 16.35
C ASP A 302 -16.20 2.45 17.07
N GLY A 303 -15.10 2.19 16.37
CA GLY A 303 -13.98 1.43 16.94
C GLY A 303 -14.10 -0.08 16.78
N PHE A 304 -14.37 -0.54 15.57
CA PHE A 304 -14.47 -1.99 15.35
C PHE A 304 -13.23 -2.71 15.88
N ASP A 305 -12.07 -2.12 15.64
CA ASP A 305 -10.80 -2.73 16.04
C ASP A 305 -10.59 -2.74 17.55
N GLU A 306 -11.42 -2.03 18.29
CA GLU A 306 -11.28 -1.95 19.74
C GLU A 306 -12.07 -3.03 20.46
N LEU A 307 -12.78 -3.86 19.71
CA LEU A 307 -13.53 -4.92 20.34
C LEU A 307 -12.56 -5.83 21.08
N GLN A 308 -12.86 -6.11 22.34
CA GLN A 308 -11.95 -6.92 23.15
C GLN A 308 -12.33 -8.38 23.14
N GLY A 309 -11.34 -9.24 22.93
CA GLY A 309 -11.55 -10.67 22.88
C GLY A 309 -11.56 -11.17 21.44
N ALA A 310 -11.50 -12.49 21.28
CA ALA A 310 -11.48 -13.06 19.95
C ALA A 310 -12.79 -12.81 19.23
N PHE A 311 -12.70 -12.53 17.94
CA PHE A 311 -13.88 -12.29 17.13
C PHE A 311 -13.93 -13.28 15.96
N ASP A 312 -14.94 -14.14 15.97
CA ASP A 312 -15.11 -15.16 14.93
C ASP A 312 -16.07 -14.70 13.84
N GLU A 313 -15.55 -14.49 12.64
CA GLU A 313 -16.33 -13.95 11.53
C GLU A 313 -17.15 -15.02 10.81
N HIS A 314 -16.96 -16.30 11.17
CA HIS A 314 -17.67 -17.39 10.50
C HIS A 314 -18.56 -18.16 11.45
N ILE A 315 -19.85 -17.83 11.44
CA ILE A 315 -20.79 -18.42 12.37
C ILE A 315 -21.99 -19.03 11.66
N GLY A 316 -22.68 -19.92 12.36
CA GLY A 316 -23.91 -20.55 11.89
C GLY A 316 -25.15 -19.69 12.17
N PRO A 317 -25.53 -19.53 13.44
CA PRO A 317 -26.71 -18.83 13.91
C PRO A 317 -26.56 -17.33 13.82
N LEU A 318 -26.83 -16.78 12.64
CA LEU A 318 -26.69 -15.34 12.40
C LEU A 318 -27.62 -14.53 13.29
N CYS A 319 -28.69 -15.16 13.77
CA CYS A 319 -29.63 -14.55 14.69
C CYS A 319 -30.42 -13.38 14.13
N THR A 320 -31.43 -13.68 13.34
CA THR A 320 -32.36 -12.65 12.88
C THR A 320 -33.39 -12.44 13.98
N ASP A 321 -34.18 -11.39 13.86
CA ASP A 321 -35.18 -11.03 14.86
C ASP A 321 -34.53 -10.29 16.03
N TRP A 322 -34.64 -8.98 16.01
CA TRP A 322 -34.01 -8.11 17.01
C TRP A 322 -34.41 -8.45 18.45
N GLN A 323 -35.53 -9.14 18.62
CA GLN A 323 -36.01 -9.49 19.95
C GLN A 323 -35.33 -10.72 20.54
N LYS A 324 -34.52 -11.42 19.73
CA LYS A 324 -33.85 -12.62 20.18
C LYS A 324 -32.46 -12.32 20.74
N ALA A 325 -32.19 -12.82 21.95
CA ALA A 325 -30.89 -12.58 22.58
C ALA A 325 -29.87 -13.63 22.15
N GLU A 326 -28.68 -13.16 21.80
CA GLU A 326 -27.58 -14.01 21.39
C GLU A 326 -26.23 -13.43 21.78
N ARG A 327 -25.18 -14.17 21.49
CA ARG A 327 -23.84 -13.73 21.83
C ARG A 327 -23.52 -12.39 21.18
N GLY A 328 -22.78 -11.55 21.89
CA GLY A 328 -22.41 -10.23 21.39
C GLY A 328 -21.69 -10.30 20.04
N ASP A 329 -20.89 -11.33 19.82
CA ASP A 329 -20.15 -11.45 18.56
C ASP A 329 -21.09 -11.77 17.41
N ILE A 330 -22.07 -12.62 17.68
CA ILE A 330 -23.07 -12.97 16.68
C ILE A 330 -23.89 -11.75 16.31
N LEU A 331 -24.29 -10.98 17.31
CA LEU A 331 -25.11 -9.80 17.08
C LEU A 331 -24.39 -8.75 16.26
N LEU A 332 -23.10 -8.52 16.55
CA LEU A 332 -22.33 -7.56 15.77
C LEU A 332 -22.17 -8.01 14.32
N SER A 333 -21.93 -9.30 14.11
CA SER A 333 -21.79 -9.82 12.76
C SER A 333 -23.11 -9.73 12.01
N SER A 334 -24.21 -9.96 12.71
CA SER A 334 -25.53 -9.91 12.11
C SER A 334 -25.85 -8.51 11.58
N LEU A 335 -25.49 -7.48 12.35
CA LEU A 335 -25.72 -6.11 11.88
C LEU A 335 -24.83 -5.78 10.69
N ILE A 336 -23.56 -6.18 10.74
CA ILE A 336 -22.61 -5.85 9.68
C ILE A 336 -23.00 -6.51 8.37
N ARG A 337 -23.44 -7.77 8.45
CA ARG A 337 -23.80 -8.55 7.26
C ARG A 337 -25.23 -8.29 6.79
N LYS A 338 -25.93 -7.36 7.45
CA LYS A 338 -27.29 -6.98 7.10
C LYS A 338 -28.28 -8.13 7.17
N LYS A 339 -28.17 -8.96 8.20
CA LYS A 339 -29.16 -10.01 8.41
C LYS A 339 -30.16 -9.51 9.43
N LEU A 340 -29.70 -8.66 10.32
CA LEU A 340 -30.53 -8.05 11.34
C LEU A 340 -30.92 -6.63 10.92
N LEU A 341 -32.22 -6.37 10.87
CA LEU A 341 -32.74 -5.08 10.40
C LEU A 341 -32.19 -4.70 9.02
N PRO A 342 -32.57 -5.43 7.97
CA PRO A 342 -32.17 -5.21 6.60
C PRO A 342 -32.52 -3.80 6.18
N GLU A 343 -31.71 -3.24 5.30
CA GLU A 343 -31.87 -1.89 4.77
C GLU A 343 -31.53 -0.78 5.77
N ALA A 344 -31.18 -1.14 7.01
CA ALA A 344 -30.68 -0.13 7.93
C ALA A 344 -29.29 0.28 7.47
N SER A 345 -28.94 1.55 7.64
CA SER A 345 -27.62 2.02 7.23
C SER A 345 -26.60 1.78 8.33
N LEU A 346 -25.34 1.67 7.96
CA LEU A 346 -24.28 1.44 8.94
C LEU A 346 -22.97 2.14 8.58
N LEU A 347 -22.43 2.89 9.55
CA LEU A 347 -21.13 3.53 9.41
C LEU A 347 -20.14 2.87 10.35
N ILE A 348 -19.02 2.41 9.82
CA ILE A 348 -18.01 1.72 10.62
C ILE A 348 -16.69 2.48 10.64
N THR A 349 -16.10 2.61 11.81
CA THR A 349 -14.76 3.20 11.89
C THR A 349 -13.77 2.12 12.30
N THR A 350 -12.61 2.08 11.65
CA THR A 350 -11.63 1.05 11.95
C THR A 350 -10.19 1.41 11.57
N ARG A 351 -9.23 0.77 12.21
CA ARG A 351 -7.85 0.89 11.78
C ARG A 351 -7.64 0.00 10.55
N PRO A 352 -6.85 0.42 9.55
CA PRO A 352 -6.56 -0.33 8.34
C PRO A 352 -6.16 -1.77 8.61
N VAL A 353 -5.42 -1.99 9.69
CA VAL A 353 -4.96 -3.34 10.03
C VAL A 353 -6.10 -4.29 10.35
N ALA A 354 -7.18 -3.76 10.90
CA ALA A 354 -8.28 -4.59 11.36
C ALA A 354 -9.20 -4.97 10.22
N LEU A 355 -8.92 -4.49 9.02
CA LEU A 355 -9.74 -4.84 7.88
C LEU A 355 -9.61 -6.33 7.58
N GLU A 356 -8.52 -6.93 8.04
CA GLU A 356 -8.28 -8.34 7.79
C GLU A 356 -9.49 -9.20 8.19
N LYS A 357 -10.14 -8.85 9.31
CA LYS A 357 -11.25 -9.64 9.80
C LYS A 357 -12.61 -8.97 9.57
N LEU A 358 -12.61 -7.86 8.83
CA LEU A 358 -13.84 -7.13 8.55
C LEU A 358 -14.25 -7.30 7.09
N GLN A 359 -13.27 -7.52 6.23
CA GLN A 359 -13.50 -7.65 4.79
C GLN A 359 -14.45 -8.79 4.45
N HIS A 360 -14.56 -9.75 5.37
CA HIS A 360 -15.39 -10.93 5.16
C HIS A 360 -16.84 -10.69 5.55
N LEU A 361 -17.09 -9.55 6.19
CA LEU A 361 -18.43 -9.24 6.67
C LEU A 361 -19.09 -8.16 5.83
N LEU A 362 -18.28 -7.24 5.31
CA LEU A 362 -18.79 -6.05 4.62
C LEU A 362 -19.43 -6.32 3.26
N ASP A 363 -18.86 -7.25 2.50
CA ASP A 363 -19.32 -7.59 1.15
C ASP A 363 -19.17 -6.45 0.13
N HIS A 364 -19.96 -5.38 0.31
CA HIS A 364 -19.93 -4.27 -0.65
C HIS A 364 -19.94 -2.87 0.02
N PRO A 365 -18.90 -2.53 0.77
CA PRO A 365 -18.71 -1.28 1.49
C PRO A 365 -18.25 -0.15 0.58
N ARG A 366 -18.50 1.08 1.02
CA ARG A 366 -17.83 2.23 0.43
C ARG A 366 -16.70 2.68 1.36
N HIS A 367 -15.46 2.58 0.87
CA HIS A 367 -14.31 2.90 1.73
C HIS A 367 -13.87 4.35 1.63
N VAL A 368 -13.69 4.97 2.79
CA VAL A 368 -13.23 6.35 2.90
C VAL A 368 -12.05 6.46 3.87
N GLU A 369 -10.99 7.13 3.45
CA GLU A 369 -9.84 7.32 4.33
C GLU A 369 -9.87 8.69 5.00
N ILE A 370 -9.54 8.73 6.29
CA ILE A 370 -9.51 9.99 7.03
C ILE A 370 -8.09 10.53 7.14
N LEU A 371 -7.91 11.78 6.73
CA LEU A 371 -6.61 12.44 6.72
C LEU A 371 -6.40 13.30 7.95
N GLY A 372 -5.14 13.64 8.22
CA GLY A 372 -4.78 14.47 9.38
C GLY A 372 -4.74 15.95 9.05
N PHE A 373 -3.97 16.70 9.82
CA PHE A 373 -3.93 18.16 9.67
C PHE A 373 -2.94 18.62 8.61
N SER A 374 -3.35 19.60 7.82
CA SER A 374 -2.47 20.28 6.88
C SER A 374 -1.73 21.38 7.63
N GLU A 375 -0.72 21.98 7.02
CA GLU A 375 0.07 22.98 7.72
C GLU A 375 -0.80 24.13 8.25
N ALA A 376 -1.78 24.53 7.45
CA ALA A 376 -2.68 25.62 7.85
C ALA A 376 -3.51 25.23 9.07
N LYS A 377 -3.93 23.97 9.12
CA LYS A 377 -4.77 23.49 10.20
C LYS A 377 -3.96 23.29 11.48
N ARG A 378 -2.71 22.85 11.32
CA ARG A 378 -1.85 22.63 12.48
C ARG A 378 -1.67 23.95 13.20
N LYS A 379 -1.44 25.01 12.43
CA LYS A 379 -1.25 26.33 13.01
C LYS A 379 -2.49 26.78 13.78
N GLU A 380 -3.67 26.61 13.19
CA GLU A 380 -4.88 27.03 13.89
C GLU A 380 -5.05 26.28 15.20
N TYR A 381 -4.74 24.99 15.20
CA TYR A 381 -4.91 24.21 16.42
C TYR A 381 -4.16 24.86 17.58
N PHE A 382 -2.92 25.28 17.32
CA PHE A 382 -2.11 25.87 18.38
C PHE A 382 -2.72 27.18 18.87
N PHE A 383 -3.23 27.99 17.94
CA PHE A 383 -3.83 29.27 18.32
C PHE A 383 -5.18 29.11 19.02
N LYS A 384 -5.92 28.06 18.66
CA LYS A 384 -7.18 27.79 19.32
C LYS A 384 -6.94 27.18 20.70
N TYR A 385 -5.91 26.35 20.81
CA TYR A 385 -5.54 25.70 22.06
C TYR A 385 -5.01 26.72 23.06
N PHE A 386 -4.09 27.58 22.63
CA PHE A 386 -3.50 28.58 23.51
C PHE A 386 -4.23 29.91 23.35
N SER A 387 -5.06 30.26 24.33
CA SER A 387 -5.92 31.44 24.25
C SER A 387 -5.13 32.74 24.17
N ASP A 388 -3.91 32.74 24.71
CA ASP A 388 -3.03 33.90 24.63
C ASP A 388 -2.21 33.83 23.35
N GLU A 389 -2.48 34.72 22.41
CA GLU A 389 -1.81 34.68 21.12
C GLU A 389 -0.30 34.82 21.27
N ALA A 390 0.15 35.54 22.30
CA ALA A 390 1.59 35.69 22.51
C ALA A 390 2.23 34.33 22.79
N GLN A 391 1.49 33.47 23.49
CA GLN A 391 2.00 32.16 23.86
C GLN A 391 1.79 31.19 22.71
N ALA A 392 0.72 31.39 21.95
CA ALA A 392 0.46 30.57 20.79
C ALA A 392 1.57 30.73 19.77
N ARG A 393 2.04 31.97 19.62
CA ARG A 393 3.15 32.22 18.70
C ARG A 393 4.41 31.53 19.19
N ALA A 394 4.69 31.59 20.48
CA ALA A 394 5.87 30.93 21.01
C ALA A 394 5.78 29.43 20.77
N ALA A 395 4.61 28.84 21.06
CA ALA A 395 4.45 27.40 20.90
C ALA A 395 4.60 27.00 19.45
N PHE A 396 4.01 27.76 18.56
CA PHE A 396 4.07 27.43 17.15
C PHE A 396 5.50 27.49 16.64
N SER A 397 6.23 28.55 17.00
CA SER A 397 7.60 28.70 16.52
C SER A 397 8.50 27.59 17.04
N LEU A 398 8.32 27.19 18.29
CA LEU A 398 9.15 26.14 18.88
C LEU A 398 9.00 24.84 18.12
N ILE A 399 7.79 24.57 17.65
CA ILE A 399 7.51 23.35 16.90
C ILE A 399 7.88 23.51 15.43
N GLN A 400 7.56 24.65 14.85
CA GLN A 400 7.85 24.90 13.44
C GLN A 400 9.34 24.74 13.13
N GLU A 401 10.19 25.15 14.08
CA GLU A 401 11.64 25.03 13.94
C GLU A 401 12.12 23.59 13.92
N ASN A 402 11.32 22.65 14.43
CA ASN A 402 11.70 21.25 14.48
C ASN A 402 10.98 20.49 13.36
N GLU A 403 11.67 20.28 12.24
CA GLU A 403 11.02 19.74 11.05
C GLU A 403 10.40 18.36 11.30
N VAL A 404 11.08 17.54 12.10
CA VAL A 404 10.58 16.20 12.34
C VAL A 404 9.32 16.23 13.19
N LEU A 405 9.33 17.01 14.25
CA LEU A 405 8.17 17.09 15.14
C LEU A 405 7.00 17.77 14.42
N PHE A 406 7.32 18.75 13.58
CA PHE A 406 6.28 19.45 12.84
C PHE A 406 5.56 18.46 11.95
N THR A 407 6.31 17.60 11.26
CA THR A 407 5.73 16.55 10.44
C THR A 407 4.86 15.60 11.26
N MET A 408 5.37 15.19 12.43
CA MET A 408 4.63 14.28 13.30
C MET A 408 3.30 14.87 13.77
N CYS A 409 3.25 16.21 13.94
CA CYS A 409 2.04 16.89 14.39
C CYS A 409 0.88 16.76 13.40
N PHE A 410 1.15 16.11 12.27
CA PHE A 410 0.12 15.73 11.30
C PHE A 410 -1.02 15.03 12.00
N ILE A 411 -0.68 14.15 12.93
CA ILE A 411 -1.67 13.41 13.70
C ILE A 411 -2.12 14.25 14.90
N PRO A 412 -3.41 14.59 14.99
CA PRO A 412 -4.01 15.41 16.04
C PRO A 412 -3.57 14.97 17.43
N LEU A 413 -3.48 13.68 17.67
CA LEU A 413 -3.03 13.19 18.96
C LEU A 413 -1.64 13.69 19.31
N VAL A 414 -0.76 13.76 18.32
CA VAL A 414 0.61 14.16 18.58
C VAL A 414 0.69 15.63 18.92
N CYS A 415 -0.02 16.46 18.16
CA CYS A 415 0.03 17.89 18.44
C CYS A 415 -0.61 18.19 19.78
N TRP A 416 -1.59 17.39 20.19
CA TRP A 416 -2.20 17.54 21.50
C TRP A 416 -1.20 17.24 22.61
N ILE A 417 -0.46 16.13 22.48
CA ILE A 417 0.50 15.74 23.49
C ILE A 417 1.56 16.83 23.65
N VAL A 418 2.03 17.36 22.53
CA VAL A 418 3.04 18.41 22.54
C VAL A 418 2.48 19.69 23.18
N CYS A 419 1.26 20.07 22.81
CA CYS A 419 0.65 21.27 23.35
C CYS A 419 0.50 21.22 24.87
N THR A 420 0.06 20.07 25.38
CA THR A 420 -0.13 19.93 26.82
C THR A 420 1.22 20.08 27.53
N GLY A 421 2.26 19.45 26.99
CA GLY A 421 3.59 19.55 27.57
C GLY A 421 4.06 21.00 27.63
N LEU A 422 3.90 21.73 26.52
CA LEU A 422 4.32 23.13 26.49
C LEU A 422 3.47 23.98 27.42
N LYS A 423 2.17 23.72 27.49
CA LYS A 423 1.29 24.49 28.37
C LYS A 423 1.76 24.36 29.82
N GLN A 424 2.12 23.15 30.23
CA GLN A 424 2.57 22.93 31.59
C GLN A 424 3.87 23.68 31.85
N GLN A 425 4.77 23.71 30.86
CA GLN A 425 6.01 24.45 31.00
C GLN A 425 5.75 25.96 31.09
N MET A 426 4.76 26.44 30.36
CA MET A 426 4.42 27.86 30.41
C MET A 426 3.95 28.24 31.81
N GLU A 427 3.06 27.44 32.36
CA GLU A 427 2.49 27.70 33.69
C GLU A 427 3.56 27.68 34.78
N SER A 428 4.53 26.79 34.63
CA SER A 428 5.59 26.63 35.62
C SER A 428 6.76 27.60 35.41
N GLY A 429 6.69 28.44 34.37
CA GLY A 429 7.74 29.40 34.10
C GLY A 429 9.02 28.76 33.55
N LYS A 430 8.88 27.72 32.74
CA LYS A 430 10.03 27.02 32.18
C LYS A 430 10.39 27.54 30.80
N SER A 431 11.52 27.05 30.27
CA SER A 431 12.09 27.48 29.00
C SER A 431 11.32 27.03 27.76
N LEU A 432 10.32 26.17 27.97
CA LEU A 432 9.50 25.62 26.89
C LEU A 432 10.33 24.75 25.95
N ALA A 433 11.03 23.78 26.53
CA ALA A 433 11.87 22.88 25.76
C ALA A 433 11.04 21.83 25.04
N GLN A 434 11.49 21.46 23.84
CA GLN A 434 10.89 20.36 23.09
C GLN A 434 11.86 19.87 22.02
N THR A 435 12.48 18.73 22.27
CA THR A 435 13.52 18.22 21.39
C THR A 435 13.20 16.83 20.84
N SER A 436 11.97 16.36 21.02
CA SER A 436 11.62 15.00 20.60
C SER A 436 11.62 14.85 19.08
N LYS A 437 12.15 13.72 18.60
CA LYS A 437 12.19 13.41 17.18
C LYS A 437 11.37 12.17 16.81
N THR A 438 11.23 11.26 17.77
CA THR A 438 10.56 9.99 17.52
C THR A 438 9.23 9.91 18.28
N THR A 439 8.40 8.92 17.96
CA THR A 439 7.13 8.76 18.64
C THR A 439 7.37 8.47 20.10
N THR A 440 8.34 7.61 20.37
CA THR A 440 8.65 7.25 21.75
C THR A 440 9.10 8.49 22.51
N ALA A 441 9.96 9.29 21.90
CA ALA A 441 10.47 10.48 22.58
C ALA A 441 9.33 11.43 22.98
N VAL A 442 8.32 11.56 22.14
CA VAL A 442 7.19 12.44 22.45
C VAL A 442 6.42 11.92 23.67
N TYR A 443 6.14 10.62 23.67
CA TYR A 443 5.39 10.01 24.78
C TYR A 443 6.17 10.03 26.08
N VAL A 444 7.48 9.78 26.01
CA VAL A 444 8.30 9.82 27.21
C VAL A 444 8.35 11.22 27.80
N PHE A 445 8.52 12.22 26.93
CA PHE A 445 8.60 13.60 27.37
C PHE A 445 7.34 13.98 28.13
N PHE A 446 6.18 13.64 27.57
CA PHE A 446 4.90 13.93 28.20
C PHE A 446 4.80 13.31 29.58
N LEU A 447 5.10 12.02 29.67
CA LEU A 447 4.98 11.31 30.93
C LEU A 447 6.06 11.71 31.91
N SER A 448 7.22 12.10 31.40
CA SER A 448 8.30 12.55 32.27
C SER A 448 7.86 13.76 33.06
N SER A 449 7.30 14.75 32.37
CA SER A 449 6.82 15.96 33.03
C SER A 449 5.59 15.67 33.90
N LEU A 450 4.75 14.75 33.45
CA LEU A 450 3.52 14.41 34.15
C LEU A 450 3.76 13.65 35.45
N LEU A 451 4.61 12.64 35.42
CA LEU A 451 4.82 11.74 36.55
C LEU A 451 5.94 12.15 37.51
N GLN A 452 6.87 12.99 37.06
CA GLN A 452 7.96 13.38 37.93
C GLN A 452 7.55 14.24 39.16
N PRO A 453 6.71 15.28 39.00
CA PRO A 453 6.34 16.23 40.04
C PRO A 453 5.97 15.55 41.35
N LEU A 462 2.36 9.15 41.26
CA LEU A 462 3.52 9.58 40.47
C LEU A 462 4.38 8.40 40.07
N CYS A 463 5.67 8.66 39.83
CA CYS A 463 6.62 7.64 39.40
C CYS A 463 6.78 6.50 40.41
N ALA A 464 6.40 6.76 41.66
CA ALA A 464 6.51 5.77 42.73
C ALA A 464 5.64 4.55 42.42
N HIS A 465 4.63 4.74 41.58
CA HIS A 465 3.70 3.68 41.25
C HIS A 465 3.83 3.26 39.79
N LEU A 466 4.98 3.58 39.18
CA LEU A 466 5.20 3.26 37.78
C LEU A 466 5.07 1.77 37.52
N TRP A 467 5.60 0.95 38.42
CA TRP A 467 5.54 -0.49 38.24
C TRP A 467 4.10 -0.96 38.25
N GLY A 468 3.33 -0.51 39.23
CA GLY A 468 1.93 -0.93 39.35
C GLY A 468 1.12 -0.49 38.13
N LEU A 469 1.38 0.72 37.65
CA LEU A 469 0.68 1.25 36.50
C LEU A 469 1.03 0.48 35.24
N CYS A 470 2.31 0.15 35.08
CA CYS A 470 2.75 -0.62 33.93
C CYS A 470 2.18 -2.03 33.95
N SER A 471 2.11 -2.64 35.13
CA SER A 471 1.55 -3.98 35.26
C SER A 471 0.07 -3.96 34.90
N LEU A 472 -0.63 -2.91 35.31
CA LEU A 472 -2.04 -2.77 34.99
C LEU A 472 -2.24 -2.74 33.48
N ALA A 473 -1.44 -1.91 32.80
CA ALA A 473 -1.55 -1.78 31.36
C ALA A 473 -1.19 -3.08 30.66
N ALA A 474 -0.15 -3.76 31.14
CA ALA A 474 0.29 -5.01 30.55
C ALA A 474 -0.79 -6.08 30.66
N ASP A 475 -1.45 -6.11 31.83
CA ASP A 475 -2.52 -7.06 32.05
C ASP A 475 -3.66 -6.78 31.10
N GLY A 476 -3.98 -5.50 30.92
CA GLY A 476 -5.07 -5.10 30.04
C GLY A 476 -4.84 -5.55 28.61
N ILE A 477 -3.59 -5.57 28.15
CA ILE A 477 -3.32 -6.01 26.79
C ILE A 477 -3.47 -7.52 26.65
N TRP A 478 -2.86 -8.27 27.56
CA TRP A 478 -2.87 -9.72 27.48
C TRP A 478 -4.21 -10.35 27.79
N ASN A 479 -4.96 -9.76 28.71
CA ASN A 479 -6.27 -10.31 29.10
C ASN A 479 -7.43 -9.55 28.47
N GLN A 480 -7.12 -8.71 27.49
CA GLN A 480 -8.12 -7.98 26.72
C GLN A 480 -9.10 -7.17 27.57
N LYS A 481 -8.57 -6.23 28.35
CA LYS A 481 -9.38 -5.35 29.17
C LYS A 481 -8.96 -3.89 29.02
N ILE A 482 -9.89 -3.06 28.54
CA ILE A 482 -9.63 -1.62 28.42
C ILE A 482 -10.25 -0.86 29.58
N LEU A 483 -11.43 -1.28 30.01
CA LEU A 483 -12.16 -0.62 31.08
C LEU A 483 -11.92 -1.33 32.39
N PHE A 484 -11.30 -0.63 33.33
CA PHE A 484 -10.89 -1.21 34.60
C PHE A 484 -11.89 -0.91 35.71
N GLU A 485 -12.16 -1.90 36.54
CA GLU A 485 -13.02 -1.71 37.70
C GLU A 485 -12.16 -1.21 38.86
N GLU A 486 -12.76 -0.52 39.81
CA GLU A 486 -11.98 -0.06 40.95
C GLU A 486 -11.21 -1.22 41.58
N SER A 487 -11.81 -2.41 41.59
CA SER A 487 -11.18 -3.60 42.14
C SER A 487 -9.91 -3.98 41.38
N ASP A 488 -9.85 -3.64 40.09
CA ASP A 488 -8.69 -4.00 39.28
C ASP A 488 -7.55 -3.04 39.55
N LEU A 489 -7.90 -1.81 39.92
CA LEU A 489 -6.88 -0.84 40.26
C LEU A 489 -6.33 -1.17 41.65
N ARG A 490 -7.23 -1.53 42.56
CA ARG A 490 -6.84 -1.87 43.93
C ARG A 490 -5.91 -3.07 43.95
N ASN A 491 -6.16 -4.04 43.08
CA ASN A 491 -5.38 -5.27 43.02
C ASN A 491 -3.94 -5.04 42.55
N HIS A 492 -3.66 -3.86 42.01
CA HIS A 492 -2.32 -3.52 41.55
C HIS A 492 -1.67 -2.51 42.50
N GLY A 493 -2.33 -2.27 43.63
CA GLY A 493 -1.83 -1.33 44.62
C GLY A 493 -2.07 0.13 44.21
N LEU A 494 -3.03 0.34 43.31
CA LEU A 494 -3.32 1.68 42.81
C LEU A 494 -4.67 2.15 43.33
N GLN A 495 -4.70 2.77 44.50
CA GLN A 495 -5.99 3.15 45.07
C GLN A 495 -5.90 4.30 46.06
N LYS A 496 -6.88 5.19 45.98
CA LYS A 496 -7.05 6.29 46.93
C LYS A 496 -5.79 7.13 47.08
N ALA A 497 -5.10 7.36 45.98
CA ALA A 497 -3.87 8.17 45.98
C ALA A 497 -3.50 8.63 44.57
N ASP A 498 -2.74 7.80 43.87
CA ASP A 498 -2.21 8.15 42.58
C ASP A 498 -3.27 8.15 41.49
N VAL A 499 -4.34 7.37 41.68
CA VAL A 499 -5.40 7.35 40.69
C VAL A 499 -5.99 8.74 40.55
N SER A 500 -6.17 9.42 41.68
CA SER A 500 -6.68 10.79 41.65
C SER A 500 -5.69 11.71 40.97
N ALA A 501 -4.40 11.49 41.22
CA ALA A 501 -3.36 12.29 40.58
C ALA A 501 -3.36 12.09 39.07
N PHE A 502 -3.62 10.86 38.64
CA PHE A 502 -3.64 10.54 37.22
C PHE A 502 -4.83 11.22 36.56
N LEU A 503 -5.94 11.31 37.29
CA LEU A 503 -7.11 12.00 36.76
C LEU A 503 -6.82 13.51 36.64
N ARG A 504 -6.17 14.08 37.66
CA ARG A 504 -5.88 15.51 37.65
C ARG A 504 -4.96 15.90 36.50
N MET A 505 -4.00 15.04 36.20
CA MET A 505 -3.02 15.31 35.15
C MET A 505 -3.49 14.88 33.76
N ASN A 506 -4.72 14.39 33.65
CA ASN A 506 -5.28 13.94 32.38
C ASN A 506 -4.47 12.82 31.75
N LEU A 507 -4.08 11.84 32.54
CA LEU A 507 -3.42 10.64 32.02
C LEU A 507 -4.42 9.50 31.97
N PHE A 508 -5.33 9.51 32.93
CA PHE A 508 -6.29 8.43 33.14
C PHE A 508 -7.67 9.08 33.27
N GLN A 509 -8.72 8.39 32.82
CA GLN A 509 -10.09 8.91 32.88
C GLN A 509 -10.99 8.03 33.73
N LYS A 510 -12.04 8.63 34.31
CA LYS A 510 -13.00 7.90 35.13
C LYS A 510 -14.25 7.49 34.37
N GLU A 511 -14.45 8.03 33.17
CA GLU A 511 -15.68 7.80 32.40
C GLU A 511 -16.91 8.07 33.26
N VAL A 512 -17.09 9.34 33.61
CA VAL A 512 -18.13 9.78 34.54
C VAL A 512 -19.54 9.79 33.94
N ASP A 513 -19.68 9.43 32.67
CA ASP A 513 -20.99 9.46 32.04
C ASP A 513 -21.82 8.24 32.43
N CYS A 514 -22.33 8.28 33.66
CA CYS A 514 -23.17 7.22 34.21
C CYS A 514 -22.48 5.86 34.22
N GLU A 515 -21.22 5.84 34.63
CA GLU A 515 -20.45 4.61 34.68
C GLU A 515 -19.35 4.70 35.74
N LYS A 516 -18.87 3.55 36.19
CA LYS A 516 -17.82 3.53 37.21
C LYS A 516 -16.55 2.78 36.77
N PHE A 517 -16.23 2.81 35.48
CA PHE A 517 -15.01 2.17 35.00
C PHE A 517 -13.98 3.19 34.61
N TYR A 518 -12.72 2.85 34.82
CA TYR A 518 -11.60 3.71 34.48
C TYR A 518 -10.91 3.26 33.20
N SER A 519 -10.25 4.19 32.53
CA SER A 519 -9.50 3.85 31.33
C SER A 519 -8.35 4.82 31.09
N PHE A 520 -7.46 4.45 30.17
CA PHE A 520 -6.38 5.33 29.76
C PHE A 520 -6.90 6.33 28.73
N ILE A 521 -6.29 7.50 28.67
CA ILE A 521 -6.75 8.50 27.70
C ILE A 521 -6.65 8.03 26.26
N HIS A 522 -5.71 7.14 25.97
CA HIS A 522 -5.60 6.59 24.63
C HIS A 522 -4.91 5.23 24.64
N MET A 523 -5.25 4.39 23.68
CA MET A 523 -4.66 3.06 23.59
C MET A 523 -3.14 3.10 23.41
N THR A 524 -2.61 4.17 22.79
CA THR A 524 -1.18 4.26 22.63
C THR A 524 -0.48 4.43 23.98
N PHE A 525 -1.17 5.04 24.94
CA PHE A 525 -0.59 5.20 26.27
C PHE A 525 -0.61 3.88 27.01
N GLN A 526 -1.70 3.13 26.86
CA GLN A 526 -1.77 1.82 27.48
C GLN A 526 -0.70 0.90 26.91
N GLU A 527 -0.56 0.89 25.58
CA GLU A 527 0.44 0.07 24.93
C GLU A 527 1.85 0.54 25.28
N PHE A 528 2.03 1.85 25.42
CA PHE A 528 3.32 2.39 25.83
C PHE A 528 3.74 1.84 27.18
N PHE A 529 2.82 1.90 28.14
CA PHE A 529 3.11 1.40 29.48
C PHE A 529 3.36 -0.11 29.46
N ALA A 530 2.61 -0.83 28.64
CA ALA A 530 2.84 -2.27 28.52
C ALA A 530 4.23 -2.53 27.98
N ALA A 531 4.71 -1.68 27.07
CA ALA A 531 6.05 -1.83 26.53
C ALA A 531 7.10 -1.62 27.62
N MET A 532 6.89 -0.61 28.48
CA MET A 532 7.85 -0.37 29.54
C MET A 532 7.89 -1.52 30.52
N TYR A 533 6.73 -2.13 30.77
CA TYR A 533 6.62 -3.22 31.72
C TYR A 533 7.71 -4.27 31.56
N TYR A 534 7.97 -4.67 30.33
CA TYR A 534 8.92 -5.73 30.04
C TYR A 534 10.35 -5.34 30.39
N LEU A 535 10.62 -4.05 30.47
CA LEU A 535 11.96 -3.55 30.66
C LEU A 535 12.24 -3.03 32.08
N LEU A 536 11.23 -3.06 32.95
CA LEU A 536 11.37 -2.43 34.27
C LEU A 536 12.26 -3.21 35.21
N GLU A 537 12.97 -2.49 36.07
CA GLU A 537 13.73 -3.10 37.15
C GLU A 537 14.69 -4.14 36.62
N LEU A 553 0.89 -9.95 35.65
CA LEU A 553 2.21 -10.55 35.45
C LEU A 553 2.13 -11.81 34.59
N PRO A 554 1.54 -11.72 33.39
CA PRO A 554 1.24 -12.82 32.48
C PRO A 554 2.46 -13.48 31.85
N SER A 555 3.59 -12.79 31.80
CA SER A 555 4.75 -13.36 31.12
C SER A 555 6.07 -12.76 31.56
N ARG A 556 6.26 -11.49 31.21
CA ARG A 556 7.56 -10.80 31.29
C ARG A 556 8.56 -11.48 30.38
N ASP A 557 8.08 -11.92 29.22
CA ASP A 557 8.90 -12.59 28.23
C ASP A 557 8.68 -12.00 26.84
N VAL A 558 9.73 -11.41 26.30
CA VAL A 558 9.69 -10.77 25.00
C VAL A 558 9.37 -11.77 23.90
N THR A 559 9.88 -12.99 24.01
CA THR A 559 9.65 -13.97 22.96
C THR A 559 8.16 -14.23 22.81
N VAL A 560 7.48 -14.40 23.94
CA VAL A 560 6.04 -14.66 23.94
C VAL A 560 5.30 -13.49 23.33
N LEU A 561 5.74 -12.28 23.66
CA LEU A 561 5.12 -11.07 23.12
C LEU A 561 5.23 -11.03 21.59
N LEU A 562 6.43 -11.24 21.07
CA LEU A 562 6.65 -11.14 19.63
C LEU A 562 5.89 -12.22 18.85
N GLU A 563 5.77 -13.40 19.43
CA GLU A 563 5.07 -14.52 18.79
C GLU A 563 3.58 -14.25 18.61
N ASN A 564 3.05 -13.26 19.34
CA ASN A 564 1.64 -12.94 19.28
C ASN A 564 1.38 -11.64 18.54
N TYR A 565 2.37 -11.18 17.78
CA TYR A 565 2.28 -9.90 17.08
C TYR A 565 1.14 -9.86 16.06
N GLY A 566 1.15 -10.79 15.12
CA GLY A 566 0.15 -10.77 14.04
C GLY A 566 -1.16 -11.42 14.46
N LYS A 567 -1.75 -10.92 15.54
CA LYS A 567 -2.99 -11.52 16.04
C LYS A 567 -4.00 -10.50 16.53
N PHE A 568 -5.23 -10.62 16.04
CA PHE A 568 -6.34 -9.77 16.45
C PHE A 568 -6.59 -9.88 17.95
N GLU A 569 -6.52 -11.11 18.44
CA GLU A 569 -6.85 -11.43 19.83
C GLU A 569 -6.01 -10.69 20.86
N LYS A 570 -4.85 -10.17 20.47
CA LYS A 570 -4.00 -9.46 21.40
C LYS A 570 -3.90 -7.97 21.04
N GLY A 571 -4.71 -7.54 20.07
CA GLY A 571 -4.73 -6.16 19.63
C GLY A 571 -3.61 -5.81 18.66
N TYR A 572 -3.06 -6.83 17.98
CA TYR A 572 -1.97 -6.67 17.03
C TYR A 572 -0.63 -6.23 17.64
N LEU A 573 -0.66 -5.59 18.80
CA LEU A 573 0.57 -5.24 19.51
C LEU A 573 1.54 -4.45 18.65
N ILE A 574 1.03 -3.63 17.74
CA ILE A 574 1.90 -2.87 16.86
C ILE A 574 2.69 -1.82 17.61
N PHE A 575 2.00 -1.06 18.45
CA PHE A 575 2.66 -0.02 19.21
C PHE A 575 3.48 -0.59 20.36
N VAL A 576 3.08 -1.73 20.90
CA VAL A 576 3.83 -2.29 22.02
C VAL A 576 5.23 -2.63 21.55
N VAL A 577 5.34 -3.29 20.40
CA VAL A 577 6.64 -3.65 19.86
C VAL A 577 7.40 -2.42 19.38
N ARG A 578 6.69 -1.52 18.71
CA ARG A 578 7.33 -0.31 18.21
C ARG A 578 7.94 0.50 19.35
N PHE A 579 7.22 0.62 20.46
CA PHE A 579 7.73 1.36 21.61
C PHE A 579 8.93 0.66 22.22
N LEU A 580 8.93 -0.67 22.25
CA LEU A 580 10.10 -1.37 22.76
C LEU A 580 11.34 -1.03 21.96
N PHE A 581 11.20 -0.90 20.63
CA PHE A 581 12.36 -0.53 19.84
C PHE A 581 12.92 0.83 20.27
N GLY A 582 12.02 1.78 20.52
CA GLY A 582 12.44 3.12 20.95
C GLY A 582 13.01 3.13 22.37
N LEU A 583 12.37 2.39 23.28
CA LEU A 583 12.77 2.35 24.68
C LEU A 583 14.12 1.67 24.87
N VAL A 584 14.39 0.65 24.06
CA VAL A 584 15.63 -0.08 24.17
C VAL A 584 16.76 0.64 23.45
N ASN A 585 17.43 1.52 24.16
CA ASN A 585 18.51 2.32 23.57
C ASN A 585 19.64 2.47 24.57
N GLN A 586 20.70 3.15 24.16
CA GLN A 586 21.84 3.42 25.02
C GLN A 586 21.87 4.90 25.40
N GLU A 587 21.35 5.73 24.51
CA GLU A 587 21.37 7.17 24.73
C GLU A 587 20.17 7.60 25.54
N ARG A 588 20.12 7.13 26.78
CA ARG A 588 19.00 7.39 27.67
C ARG A 588 19.39 8.40 28.74
N THR A 589 18.39 9.09 29.26
CA THR A 589 18.59 10.10 30.28
C THR A 589 17.74 9.84 31.51
N SER A 590 17.67 10.83 32.39
CA SER A 590 16.89 10.70 33.62
C SER A 590 15.39 10.84 33.35
N TYR A 591 14.59 10.48 34.35
CA TYR A 591 13.13 10.55 34.29
C TYR A 591 12.55 9.39 33.48
N LEU A 592 12.17 8.32 34.18
CA LEU A 592 11.55 7.12 33.60
C LEU A 592 12.53 6.25 32.79
N GLU A 593 13.27 6.87 31.89
CA GLU A 593 14.18 6.13 31.01
C GLU A 593 15.30 5.42 31.77
N LYS A 594 15.69 5.97 32.92
CA LYS A 594 16.79 5.39 33.70
C LYS A 594 16.31 4.32 34.67
N LYS A 595 15.01 4.04 34.69
CA LYS A 595 14.44 3.05 35.61
C LYS A 595 14.37 1.69 34.94
N LEU A 596 14.87 1.61 33.71
CA LEU A 596 14.85 0.37 32.95
C LEU A 596 16.18 -0.36 33.14
N SER A 597 16.12 -1.68 33.14
CA SER A 597 17.32 -2.50 33.34
C SER A 597 18.21 -2.57 32.12
N CYS A 598 19.52 -2.42 32.34
CA CYS A 598 20.50 -2.50 31.27
C CYS A 598 20.64 -3.92 30.73
N LYS A 599 20.73 -4.89 31.62
CA LYS A 599 20.89 -6.28 31.21
C LYS A 599 19.67 -6.73 30.41
N ILE A 600 18.50 -6.29 30.82
CA ILE A 600 17.28 -6.64 30.11
C ILE A 600 17.25 -5.96 28.75
N SER A 601 17.66 -4.69 28.70
CA SER A 601 17.71 -3.95 27.46
C SER A 601 18.64 -4.64 26.46
N GLN A 602 19.75 -5.19 26.95
CA GLN A 602 20.68 -5.90 26.08
C GLN A 602 20.07 -7.19 25.55
N GLN A 603 19.37 -7.94 26.40
CA GLN A 603 18.75 -9.18 25.99
C GLN A 603 17.65 -8.97 24.95
N ILE A 604 16.85 -7.93 25.14
CA ILE A 604 15.77 -7.64 24.21
C ILE A 604 16.30 -7.10 22.88
N ARG A 605 17.36 -6.29 22.93
CA ARG A 605 17.92 -5.77 21.68
C ARG A 605 18.30 -6.92 20.75
N LEU A 606 18.89 -7.97 21.32
CA LEU A 606 19.26 -9.13 20.52
C LEU A 606 18.04 -9.84 19.96
N GLU A 607 16.99 -9.98 20.75
CA GLU A 607 15.78 -10.67 20.29
C GLU A 607 15.07 -9.87 19.22
N LEU A 608 15.05 -8.54 19.36
CA LEU A 608 14.40 -7.70 18.37
C LEU A 608 15.13 -7.75 17.04
N LEU A 609 16.46 -7.83 17.09
CA LEU A 609 17.23 -7.91 15.86
C LEU A 609 16.95 -9.22 15.14
N LYS A 610 16.88 -10.33 15.88
CA LYS A 610 16.57 -11.62 15.29
C LYS A 610 15.16 -11.60 14.70
N TRP A 611 14.23 -10.92 15.37
CA TRP A 611 12.87 -10.79 14.89
C TRP A 611 12.86 -10.10 13.54
N ILE A 612 13.61 -9.01 13.40
CA ILE A 612 13.69 -8.33 12.12
C ILE A 612 14.31 -9.23 11.08
N GLU A 613 15.40 -9.92 11.42
CA GLU A 613 16.06 -10.79 10.45
C GLU A 613 15.08 -11.79 9.85
N VAL A 614 14.30 -12.45 10.69
CA VAL A 614 13.37 -13.46 10.22
C VAL A 614 12.26 -12.86 9.36
N LYS A 615 11.68 -11.75 9.81
CA LYS A 615 10.59 -11.13 9.06
C LYS A 615 11.07 -10.48 7.77
N ALA A 616 12.29 -9.93 7.79
CA ALA A 616 12.85 -9.30 6.60
C ALA A 616 13.14 -10.35 5.52
N LYS A 617 13.65 -11.51 5.94
CA LYS A 617 13.91 -12.60 5.01
C LYS A 617 12.62 -13.23 4.51
N ALA A 618 11.65 -13.37 5.40
CA ALA A 618 10.38 -14.00 5.07
C ALA A 618 9.47 -13.03 4.34
N LYS A 619 9.88 -12.65 3.13
CA LYS A 619 9.12 -11.69 2.35
C LYS A 619 7.94 -12.37 1.69
N LYS A 620 6.94 -12.67 2.50
CA LYS A 620 5.74 -13.38 2.09
C LYS A 620 4.52 -12.50 2.30
N LEU A 621 3.40 -12.85 1.67
CA LEU A 621 2.17 -12.11 1.92
C LEU A 621 1.57 -12.56 3.25
N GLN A 622 1.45 -11.62 4.17
CA GLN A 622 0.98 -11.91 5.52
C GLN A 622 0.63 -10.63 6.26
N ILE A 623 0.13 -10.75 7.49
CA ILE A 623 -0.23 -9.57 8.27
C ILE A 623 0.85 -9.19 9.28
N GLN A 624 2.01 -9.79 9.11
CA GLN A 624 3.20 -9.46 9.88
C GLN A 624 3.77 -8.22 9.18
N PRO A 625 4.87 -7.61 9.66
CA PRO A 625 5.47 -6.43 9.10
C PRO A 625 5.67 -6.57 7.60
N SER A 626 5.32 -5.56 6.82
CA SER A 626 5.33 -5.64 5.37
C SER A 626 6.36 -4.72 4.70
N GLN A 627 7.59 -4.77 5.18
CA GLN A 627 8.74 -4.00 4.65
C GLN A 627 8.64 -2.50 4.87
N LEU A 628 7.62 -2.05 5.59
CA LEU A 628 7.51 -0.64 5.95
C LEU A 628 7.44 -0.49 7.46
N GLU A 629 6.62 -1.32 8.11
CA GLU A 629 6.48 -1.27 9.56
C GLU A 629 7.83 -1.54 10.21
N LEU A 630 8.66 -2.35 9.56
CA LEU A 630 10.01 -2.63 10.05
C LEU A 630 10.83 -1.35 10.00
N PHE A 631 10.57 -0.49 9.01
CA PHE A 631 11.30 0.76 8.91
C PHE A 631 10.85 1.70 10.01
N TYR A 632 9.55 1.68 10.32
CA TYR A 632 9.03 2.50 11.42
C TYR A 632 9.71 2.08 12.73
N CYS A 633 9.88 0.78 12.92
CA CYS A 633 10.56 0.26 14.11
C CYS A 633 12.01 0.72 14.16
N LEU A 634 12.71 0.63 13.03
CA LEU A 634 14.11 1.04 12.97
C LEU A 634 14.24 2.55 13.13
N TYR A 635 13.27 3.30 12.63
CA TYR A 635 13.28 4.75 12.80
C TYR A 635 13.25 5.11 14.28
N GLU A 636 12.40 4.44 15.05
CA GLU A 636 12.35 4.70 16.49
C GLU A 636 13.69 4.36 17.13
N MET A 637 14.31 3.30 16.66
CA MET A 637 15.63 2.90 17.15
C MET A 637 16.73 3.74 16.50
N GLN A 638 16.86 4.98 16.96
CA GLN A 638 17.83 5.91 16.39
C GLN A 638 19.26 5.58 16.78
N GLU A 639 19.77 4.51 16.21
CA GLU A 639 21.15 4.08 16.44
C GLU A 639 21.71 3.43 15.19
N GLU A 640 22.69 4.07 14.57
CA GLU A 640 23.24 3.58 13.32
C GLU A 640 23.81 2.18 13.45
N ASP A 641 24.41 1.87 14.61
CA ASP A 641 24.99 0.56 14.82
C ASP A 641 23.96 -0.55 14.72
N PHE A 642 22.70 -0.24 15.08
CA PHE A 642 21.63 -1.22 15.01
C PHE A 642 20.97 -1.19 13.64
N VAL A 643 20.70 0.01 13.14
CA VAL A 643 19.96 0.17 11.90
C VAL A 643 20.75 -0.30 10.69
N GLN A 644 22.02 0.07 10.62
CA GLN A 644 22.85 -0.29 9.48
C GLN A 644 23.05 -1.80 9.41
N ARG A 645 22.91 -2.46 10.55
CA ARG A 645 23.05 -3.91 10.62
C ARG A 645 21.74 -4.60 10.27
N ALA A 646 20.64 -4.09 10.82
CA ALA A 646 19.33 -4.68 10.56
C ALA A 646 18.99 -4.59 9.07
N MET A 647 19.41 -3.50 8.44
CA MET A 647 19.12 -3.27 7.04
C MET A 647 19.85 -4.23 6.08
N ASP A 648 20.78 -5.02 6.61
CA ASP A 648 21.50 -5.99 5.79
C ASP A 648 20.59 -7.12 5.33
N TYR A 649 19.40 -7.21 5.91
CA TYR A 649 18.47 -8.28 5.58
C TYR A 649 17.42 -7.81 4.58
N PHE A 650 17.66 -6.65 3.98
CA PHE A 650 16.71 -6.09 3.00
C PHE A 650 17.37 -5.83 1.64
N PRO A 651 17.76 -6.87 0.88
CA PRO A 651 18.38 -6.78 -0.43
C PRO A 651 17.44 -6.22 -1.48
N LYS A 652 16.14 -6.35 -1.23
CA LYS A 652 15.13 -5.84 -2.13
C LYS A 652 14.08 -5.09 -1.33
N ILE A 653 13.87 -3.83 -1.65
CA ILE A 653 12.91 -3.03 -0.92
C ILE A 653 11.72 -2.65 -1.78
N GLU A 654 10.55 -3.12 -1.38
CA GLU A 654 9.31 -2.81 -2.09
C GLU A 654 8.35 -2.11 -1.13
N ILE A 655 8.16 -0.81 -1.34
CA ILE A 655 7.38 -0.01 -0.41
C ILE A 655 6.33 0.88 -1.08
N ASN A 656 5.27 1.18 -0.33
CA ASN A 656 4.18 2.05 -0.78
C ASN A 656 4.06 3.25 0.14
N LEU A 657 4.26 4.44 -0.40
CA LEU A 657 4.31 5.66 0.39
C LEU A 657 3.13 6.58 0.11
N SER A 658 2.33 6.87 1.15
CA SER A 658 1.14 7.71 0.96
C SER A 658 1.21 9.03 1.73
N THR A 659 2.03 9.10 2.77
CA THR A 659 2.11 10.35 3.52
C THR A 659 3.54 10.80 3.79
N ARG A 660 3.66 11.95 4.45
CA ARG A 660 4.97 12.55 4.70
C ARG A 660 5.79 11.74 5.69
N MET A 661 5.15 11.12 6.67
CA MET A 661 5.85 10.29 7.63
C MET A 661 6.44 9.06 6.97
N ASP A 662 5.77 8.57 5.93
CA ASP A 662 6.25 7.39 5.25
C ASP A 662 7.56 7.71 4.57
N HIS A 663 7.66 8.92 4.03
CA HIS A 663 8.86 9.35 3.33
C HIS A 663 10.04 9.58 4.28
N MET A 664 9.79 10.19 5.44
CA MET A 664 10.91 10.46 6.35
C MET A 664 11.43 9.16 6.97
N VAL A 665 10.52 8.21 7.20
CA VAL A 665 10.90 6.92 7.76
C VAL A 665 11.63 6.05 6.75
N SER A 666 11.12 5.98 5.53
CA SER A 666 11.75 5.19 4.48
C SER A 666 13.09 5.80 4.07
N SER A 667 13.17 7.13 4.04
CA SER A 667 14.41 7.80 3.68
C SER A 667 15.50 7.46 4.67
N PHE A 668 15.19 7.52 5.96
CA PHE A 668 16.15 7.18 7.00
C PHE A 668 16.69 5.77 6.85
N CYS A 669 15.80 4.79 6.69
CA CYS A 669 16.21 3.40 6.61
C CYS A 669 16.96 3.09 5.32
N ILE A 670 16.52 3.65 4.20
CA ILE A 670 17.19 3.39 2.93
C ILE A 670 18.58 4.02 2.92
N GLU A 671 18.70 5.23 3.44
CA GLU A 671 20.01 5.86 3.49
C GLU A 671 20.99 5.03 4.30
N ASN A 672 20.54 4.51 5.44
CA ASN A 672 21.39 3.66 6.27
C ASN A 672 21.34 2.21 5.82
N CYS A 673 21.73 1.97 4.58
CA CYS A 673 21.71 0.63 3.98
C CYS A 673 22.75 0.53 2.88
N HIS A 674 23.63 -0.45 2.99
CA HIS A 674 24.70 -0.61 2.01
C HIS A 674 24.55 -1.89 1.18
N ARG A 675 23.43 -2.58 1.34
CA ARG A 675 23.25 -3.86 0.64
C ARG A 675 21.90 -4.00 -0.06
N VAL A 676 21.37 -2.90 -0.58
CA VAL A 676 20.12 -2.97 -1.34
C VAL A 676 20.41 -3.01 -2.83
N GLU A 677 19.90 -4.02 -3.52
CA GLU A 677 20.17 -4.19 -4.94
C GLU A 677 19.06 -3.61 -5.80
N SER A 678 17.82 -3.70 -5.34
CA SER A 678 16.70 -3.18 -6.12
C SER A 678 15.69 -2.48 -5.23
N LEU A 679 15.03 -1.48 -5.80
CA LEU A 679 14.03 -0.70 -5.10
C LEU A 679 12.80 -0.43 -5.95
N SER A 680 11.62 -0.61 -5.36
CA SER A 680 10.37 -0.29 -6.03
C SER A 680 9.55 0.69 -5.19
N LEU A 681 9.24 1.85 -5.76
CA LEU A 681 8.51 2.88 -5.03
C LEU A 681 7.10 3.08 -5.54
N GLY A 682 6.14 2.55 -4.80
CA GLY A 682 4.74 2.64 -5.17
C GLY A 682 4.09 3.91 -4.63
N PHE A 683 4.42 5.05 -5.25
CA PHE A 683 3.86 6.31 -4.77
C PHE A 683 2.33 6.25 -4.89
N LEU A 684 1.64 6.63 -3.80
CA LEU A 684 0.19 6.61 -3.79
C LEU A 684 -0.40 8.02 -3.70
N HIS A 685 -1.69 8.10 -3.37
CA HIS A 685 -2.38 9.38 -3.29
C HIS A 685 -1.85 10.21 -2.14
N ASN A 686 -0.77 10.95 -2.40
CA ASN A 686 -0.16 11.78 -1.37
C ASN A 686 -1.22 12.56 -0.60
N LEU A 725 2.58 11.86 -7.56
CA LEU A 725 3.64 12.81 -7.20
C LEU A 725 3.49 14.11 -7.98
N THR A 726 4.10 14.18 -9.15
CA THR A 726 4.06 15.38 -9.99
C THR A 726 4.39 16.62 -9.14
N SER A 727 5.38 16.49 -8.29
CA SER A 727 5.79 17.55 -7.38
C SER A 727 7.18 17.30 -6.81
N SER A 728 7.51 18.00 -5.73
CA SER A 728 8.80 17.90 -5.05
C SER A 728 8.75 16.99 -3.83
N PHE A 729 7.59 16.39 -3.59
CA PHE A 729 7.37 15.59 -2.38
C PHE A 729 8.42 14.50 -2.18
N CYS A 730 8.84 13.86 -3.26
CA CYS A 730 9.77 12.75 -3.18
C CYS A 730 11.20 13.16 -3.51
N ARG A 731 11.45 14.47 -3.58
CA ARG A 731 12.77 14.97 -3.94
C ARG A 731 13.83 14.46 -2.97
N GLY A 732 13.50 14.45 -1.68
CA GLY A 732 14.44 14.03 -0.65
C GLY A 732 14.82 12.56 -0.81
N LEU A 733 13.86 11.73 -1.21
CA LEU A 733 14.10 10.32 -1.37
C LEU A 733 14.98 10.06 -2.57
N PHE A 734 14.71 10.76 -3.67
CA PHE A 734 15.50 10.57 -4.87
C PHE A 734 16.94 11.00 -4.64
N SER A 735 17.13 12.06 -3.86
CA SER A 735 18.46 12.53 -3.54
C SER A 735 19.26 11.45 -2.82
N VAL A 736 18.62 10.79 -1.85
CA VAL A 736 19.28 9.72 -1.11
C VAL A 736 19.68 8.56 -2.03
N LEU A 737 18.78 8.19 -2.93
CA LEU A 737 19.05 7.06 -3.81
C LEU A 737 20.25 7.32 -4.72
N SER A 738 20.44 8.58 -5.11
CA SER A 738 21.51 8.95 -6.04
C SER A 738 22.90 8.73 -5.50
N THR A 739 23.03 8.55 -4.19
CA THR A 739 24.35 8.37 -3.60
C THR A 739 24.61 6.92 -3.24
N SER A 740 23.64 6.04 -3.48
CA SER A 740 23.80 4.64 -3.16
C SER A 740 24.83 3.97 -4.08
N GLN A 741 25.66 3.13 -3.51
CA GLN A 741 26.66 2.43 -4.31
C GLN A 741 26.28 0.98 -4.56
N SER A 742 25.11 0.58 -4.06
CA SER A 742 24.68 -0.81 -4.20
C SER A 742 23.42 -0.97 -5.06
N LEU A 743 22.66 0.11 -5.21
CA LEU A 743 21.41 0.04 -5.96
C LEU A 743 21.70 -0.13 -7.43
N THR A 744 21.08 -1.14 -8.04
CA THR A 744 21.29 -1.41 -9.46
C THR A 744 20.01 -1.20 -10.26
N GLU A 745 18.87 -1.59 -9.70
CA GLU A 745 17.60 -1.52 -10.41
C GLU A 745 16.57 -0.65 -9.70
N LEU A 746 16.03 0.32 -10.44
CA LEU A 746 15.01 1.20 -9.89
C LEU A 746 13.69 1.09 -10.64
N ASP A 747 12.64 0.69 -9.92
CA ASP A 747 11.32 0.50 -10.52
C ASP A 747 10.32 1.56 -10.08
N LEU A 748 9.91 2.41 -11.03
CA LEU A 748 8.98 3.49 -10.75
C LEU A 748 7.74 3.37 -11.62
N SER A 749 7.39 2.15 -11.99
CA SER A 749 6.22 1.91 -12.85
C SER A 749 4.90 2.04 -12.11
N ASP A 750 3.84 2.20 -12.88
CA ASP A 750 2.46 2.20 -12.38
C ASP A 750 2.18 3.20 -11.27
N ASN A 751 2.69 4.41 -11.41
CA ASN A 751 2.39 5.49 -10.49
C ASN A 751 2.44 6.82 -11.22
N SER A 752 1.86 7.86 -10.65
CA SER A 752 1.75 9.14 -11.34
C SER A 752 3.03 9.97 -11.34
N LEU A 753 4.06 9.45 -11.99
CA LEU A 753 5.31 10.17 -12.13
C LEU A 753 5.23 11.08 -13.34
N GLY A 754 4.41 12.11 -13.22
CA GLY A 754 4.14 13.00 -14.34
C GLY A 754 5.42 13.72 -14.75
N ASP A 755 5.37 14.42 -15.89
CA ASP A 755 6.57 15.04 -16.43
C ASP A 755 7.44 15.76 -15.38
N PRO A 756 6.89 16.62 -14.50
CA PRO A 756 7.61 17.30 -13.43
C PRO A 756 8.42 16.33 -12.56
N GLY A 757 7.87 15.13 -12.35
CA GLY A 757 8.53 14.14 -11.52
C GLY A 757 9.67 13.50 -12.30
N MET A 758 9.48 13.37 -13.61
CA MET A 758 10.48 12.76 -14.46
C MET A 758 11.67 13.71 -14.63
N ARG A 759 11.40 15.00 -14.60
CA ARG A 759 12.48 15.98 -14.68
C ARG A 759 13.38 15.88 -13.47
N VAL A 760 12.80 15.74 -12.28
CA VAL A 760 13.57 15.61 -11.04
C VAL A 760 14.42 14.35 -11.09
N LEU A 761 13.83 13.26 -11.56
CA LEU A 761 14.55 12.00 -11.67
C LEU A 761 15.67 12.12 -12.70
N CYS A 762 15.41 12.75 -13.84
CA CYS A 762 16.42 12.89 -14.86
C CYS A 762 17.63 13.67 -14.35
N GLU A 763 17.39 14.68 -13.53
CA GLU A 763 18.49 15.42 -12.93
C GLU A 763 19.25 14.51 -11.95
N THR A 764 18.49 13.73 -11.19
CA THR A 764 19.03 12.83 -10.18
C THR A 764 19.92 11.76 -10.80
N LEU A 765 19.51 11.23 -11.94
CA LEU A 765 20.22 10.14 -12.62
C LEU A 765 21.55 10.57 -13.21
N GLN A 766 21.83 11.87 -13.22
CA GLN A 766 23.08 12.36 -13.80
C GLN A 766 24.19 12.46 -12.77
N HIS A 767 23.89 12.12 -11.51
CA HIS A 767 24.91 12.16 -10.47
C HIS A 767 26.03 11.17 -10.82
N PRO A 768 27.31 11.56 -10.72
CA PRO A 768 28.48 10.75 -10.97
C PRO A 768 28.49 9.41 -10.22
N GLY A 769 27.85 9.38 -9.05
CA GLY A 769 27.83 8.17 -8.24
C GLY A 769 26.50 7.42 -8.28
N CYS A 770 25.66 7.74 -9.28
CA CYS A 770 24.32 7.16 -9.37
C CYS A 770 24.31 5.63 -9.38
N ASN A 771 25.04 5.03 -10.32
CA ASN A 771 25.17 3.57 -10.43
C ASN A 771 23.90 2.79 -10.78
N ILE A 772 22.84 3.46 -11.22
CA ILE A 772 21.65 2.74 -11.64
C ILE A 772 21.83 2.21 -13.05
N ARG A 773 21.66 0.89 -13.23
CA ARG A 773 21.86 0.27 -14.53
C ARG A 773 20.56 -0.07 -15.23
N ARG A 774 19.52 -0.33 -14.46
CA ARG A 774 18.24 -0.67 -15.05
C ARG A 774 17.14 0.23 -14.51
N LEU A 775 16.44 0.90 -15.41
CA LEU A 775 15.39 1.83 -15.00
C LEU A 775 14.07 1.49 -15.67
N TRP A 776 13.06 1.21 -14.87
CA TRP A 776 11.74 0.84 -15.40
C TRP A 776 10.74 1.97 -15.22
N LEU A 777 10.23 2.51 -16.32
CA LEU A 777 9.29 3.62 -16.29
C LEU A 777 8.05 3.29 -17.11
N GLY A 778 7.26 2.34 -16.63
CA GLY A 778 6.12 1.84 -17.40
C GLY A 778 4.99 2.85 -17.47
N ARG A 779 3.80 2.45 -17.06
CA ARG A 779 2.63 3.31 -17.21
C ARG A 779 2.65 4.48 -16.22
N CYS A 780 3.55 5.43 -16.46
CA CYS A 780 3.71 6.61 -15.62
C CYS A 780 2.96 7.81 -16.17
N GLY A 781 2.46 7.68 -17.40
CA GLY A 781 1.73 8.77 -18.02
C GLY A 781 2.64 9.89 -18.52
N LEU A 782 3.85 9.53 -18.93
CA LEU A 782 4.82 10.53 -19.40
C LEU A 782 4.43 11.04 -20.78
N SER A 783 4.75 12.30 -21.07
CA SER A 783 4.50 12.86 -22.39
C SER A 783 5.78 13.10 -23.15
N HIS A 784 5.66 13.65 -24.36
CA HIS A 784 6.82 13.85 -25.22
C HIS A 784 7.83 14.82 -24.64
N GLU A 785 7.38 15.72 -23.77
CA GLU A 785 8.29 16.70 -23.19
C GLU A 785 9.35 16.05 -22.33
N CYS A 786 9.04 14.93 -21.69
CA CYS A 786 9.99 14.29 -20.81
C CYS A 786 11.15 13.66 -21.59
N CYS A 787 10.97 13.48 -22.90
CA CYS A 787 12.00 12.85 -23.71
C CYS A 787 13.20 13.74 -23.87
N PHE A 788 12.99 15.04 -23.68
CA PHE A 788 14.10 15.97 -23.75
C PHE A 788 15.07 15.66 -22.61
N ASP A 789 14.51 15.42 -21.43
CA ASP A 789 15.31 15.18 -20.25
C ASP A 789 15.89 13.77 -20.26
N ILE A 790 15.15 12.81 -20.82
CA ILE A 790 15.66 11.45 -20.94
C ILE A 790 16.85 11.43 -21.87
N SER A 791 16.76 12.19 -22.97
CA SER A 791 17.86 12.29 -23.91
C SER A 791 19.13 12.81 -23.23
N LEU A 792 18.97 13.84 -22.39
CA LEU A 792 20.11 14.41 -21.68
C LEU A 792 20.76 13.37 -20.77
N VAL A 793 19.96 12.51 -20.15
CA VAL A 793 20.51 11.47 -19.29
C VAL A 793 21.28 10.44 -20.12
N LEU A 794 20.71 10.00 -21.23
CA LEU A 794 21.36 8.98 -22.05
C LEU A 794 22.71 9.45 -22.58
N SER A 795 22.82 10.73 -22.90
CA SER A 795 24.04 11.28 -23.46
C SER A 795 25.17 11.47 -22.44
N SER A 796 24.89 11.31 -21.15
CA SER A 796 25.93 11.50 -20.14
C SER A 796 26.05 10.33 -19.18
N ASN A 797 24.96 9.58 -19.02
CA ASN A 797 24.92 8.46 -18.09
C ASN A 797 25.44 7.21 -18.79
N GLN A 798 26.67 6.83 -18.47
CA GLN A 798 27.34 5.72 -19.13
C GLN A 798 27.08 4.39 -18.42
N LYS A 799 26.26 4.42 -17.37
CA LYS A 799 25.97 3.22 -16.60
C LYS A 799 24.66 2.58 -17.03
N LEU A 800 23.67 3.40 -17.37
CA LEU A 800 22.35 2.89 -17.72
C LEU A 800 22.41 1.95 -18.91
N VAL A 801 21.85 0.74 -18.74
CA VAL A 801 21.84 -0.29 -19.77
C VAL A 801 20.45 -0.60 -20.29
N GLU A 802 19.47 -0.68 -19.40
CA GLU A 802 18.12 -1.07 -19.80
C GLU A 802 17.11 0.02 -19.47
N LEU A 803 16.29 0.39 -20.46
CA LEU A 803 15.30 1.44 -20.23
C LEU A 803 13.93 1.05 -20.77
N ASP A 804 12.94 1.01 -19.89
CA ASP A 804 11.59 0.64 -20.30
C ASP A 804 10.62 1.81 -20.30
N LEU A 805 10.19 2.24 -21.50
CA LEU A 805 9.29 3.39 -21.64
C LEU A 805 7.88 2.97 -22.09
N SER A 806 7.56 1.70 -21.90
CA SER A 806 6.28 1.17 -22.37
C SER A 806 5.09 1.86 -21.74
N ASP A 807 4.01 1.94 -22.50
CA ASP A 807 2.71 2.46 -22.06
C ASP A 807 2.67 3.95 -21.73
N ASN A 808 3.73 4.69 -22.06
CA ASN A 808 3.69 6.14 -21.92
C ASN A 808 3.08 6.75 -23.19
N ALA A 809 2.95 8.06 -23.24
CA ALA A 809 2.36 8.72 -24.40
C ALA A 809 3.44 9.43 -25.21
N LEU A 810 4.57 8.77 -25.37
CA LEU A 810 5.70 9.37 -26.06
C LEU A 810 5.51 9.20 -27.55
N GLY A 811 4.74 10.10 -28.15
CA GLY A 811 4.36 9.95 -29.54
C GLY A 811 5.55 10.17 -30.45
N ASP A 812 5.29 10.21 -31.76
CA ASP A 812 6.36 10.30 -32.76
C ASP A 812 7.36 11.41 -32.47
N PHE A 813 6.88 12.54 -31.96
CA PHE A 813 7.78 13.63 -31.62
C PHE A 813 8.72 13.23 -30.49
N GLY A 814 8.21 12.50 -29.52
CA GLY A 814 9.03 12.10 -28.38
C GLY A 814 10.18 11.24 -28.87
N ILE A 815 9.89 10.36 -29.81
CA ILE A 815 10.93 9.49 -30.39
C ILE A 815 11.97 10.32 -31.12
N ARG A 816 11.52 11.30 -31.89
CA ARG A 816 12.46 12.16 -32.61
C ARG A 816 13.49 12.76 -31.65
N LEU A 817 13.05 13.16 -30.45
CA LEU A 817 13.96 13.69 -29.44
C LEU A 817 14.78 12.59 -28.77
N LEU A 818 14.14 11.49 -28.42
CA LEU A 818 14.81 10.41 -27.71
C LEU A 818 15.96 9.85 -28.54
N CYS A 819 15.77 9.80 -29.84
CA CYS A 819 16.78 9.27 -30.75
C CYS A 819 18.05 10.10 -30.78
N VAL A 820 17.98 11.34 -30.31
CA VAL A 820 19.16 12.18 -30.29
C VAL A 820 20.15 11.63 -29.26
N GLY A 821 19.64 11.23 -28.11
CA GLY A 821 20.46 10.64 -27.07
C GLY A 821 20.95 9.26 -27.48
N LEU A 822 20.07 8.49 -28.13
CA LEU A 822 20.41 7.12 -28.52
C LEU A 822 21.56 7.08 -29.53
N LYS A 823 21.64 8.08 -30.40
CA LYS A 823 22.69 8.14 -31.41
C LYS A 823 23.97 8.78 -30.88
N HIS A 824 23.93 9.26 -29.64
CA HIS A 824 25.05 10.01 -29.08
C HIS A 824 26.16 9.09 -28.58
N LEU A 825 27.40 9.54 -28.71
CA LEU A 825 28.51 8.77 -28.19
C LEU A 825 28.42 8.71 -26.67
N LEU A 826 28.95 7.63 -26.10
CA LEU A 826 28.91 7.38 -24.65
C LEU A 826 27.52 6.94 -24.19
N CYS A 827 26.59 6.74 -25.12
CA CYS A 827 25.32 6.14 -24.75
C CYS A 827 25.45 4.63 -24.84
N ASN A 828 25.33 3.96 -23.71
CA ASN A 828 25.57 2.52 -23.64
C ASN A 828 24.30 1.71 -23.52
N LEU A 829 23.16 2.32 -23.83
CA LEU A 829 21.89 1.62 -23.69
C LEU A 829 21.85 0.40 -24.59
N LYS A 830 21.45 -0.75 -24.04
CA LYS A 830 21.41 -1.99 -24.81
C LYS A 830 20.00 -2.46 -25.11
N LYS A 831 19.08 -2.26 -24.18
CA LYS A 831 17.72 -2.75 -24.36
C LYS A 831 16.68 -1.66 -24.18
N LEU A 832 15.91 -1.40 -25.24
CA LEU A 832 14.92 -0.34 -25.20
C LEU A 832 13.51 -0.82 -25.52
N TRP A 833 12.58 -0.56 -24.60
CA TRP A 833 11.18 -0.94 -24.80
C TRP A 833 10.32 0.28 -25.14
N LEU A 834 9.71 0.25 -26.32
CA LEU A 834 8.83 1.34 -26.78
C LEU A 834 7.43 0.81 -27.11
N VAL A 835 7.00 -0.17 -26.33
CA VAL A 835 5.71 -0.82 -26.54
C VAL A 835 4.54 0.08 -26.18
N SER A 836 3.53 0.10 -27.05
CA SER A 836 2.31 0.89 -26.82
C SER A 836 2.60 2.36 -26.53
N CYS A 837 3.40 3.01 -27.39
CA CYS A 837 3.74 4.42 -27.18
C CYS A 837 3.07 5.33 -28.19
N CYS A 838 1.98 4.87 -28.79
CA CYS A 838 1.23 5.66 -29.75
C CYS A 838 2.10 6.12 -30.91
N LEU A 839 2.92 5.21 -31.43
CA LEU A 839 3.80 5.56 -32.54
C LEU A 839 3.18 5.21 -33.87
N THR A 840 3.56 5.93 -34.91
CA THR A 840 3.14 5.60 -36.26
C THR A 840 4.35 5.43 -37.14
N SER A 841 4.11 5.09 -38.41
CA SER A 841 5.18 4.83 -39.35
C SER A 841 6.09 6.04 -39.55
N ALA A 842 5.60 7.22 -39.17
CA ALA A 842 6.35 8.45 -39.32
C ALA A 842 7.65 8.42 -38.51
N CYS A 843 7.68 7.66 -37.42
CA CYS A 843 8.85 7.63 -36.54
C CYS A 843 9.86 6.56 -36.94
N CYS A 844 9.52 5.76 -37.95
CA CYS A 844 10.39 4.65 -38.33
C CYS A 844 11.71 5.13 -38.88
N GLN A 845 11.73 6.31 -39.47
CA GLN A 845 12.96 6.82 -40.03
C GLN A 845 14.00 7.09 -38.95
N ASP A 846 13.55 7.54 -37.79
CA ASP A 846 14.49 7.87 -36.71
C ASP A 846 14.91 6.62 -35.96
N LEU A 847 13.99 5.69 -35.79
CA LEU A 847 14.35 4.44 -35.12
C LEU A 847 15.32 3.66 -35.99
N ALA A 848 15.11 3.70 -37.31
CA ALA A 848 15.97 3.01 -38.24
C ALA A 848 17.38 3.57 -38.20
N SER A 849 17.50 4.90 -38.07
CA SER A 849 18.80 5.54 -37.97
C SER A 849 19.54 5.09 -36.72
N VAL A 850 18.81 4.91 -35.62
CA VAL A 850 19.44 4.44 -34.39
C VAL A 850 19.99 3.03 -34.56
N LEU A 851 19.21 2.14 -35.17
CA LEU A 851 19.68 0.77 -35.36
C LEU A 851 20.94 0.74 -36.21
N SER A 852 21.00 1.61 -37.22
CA SER A 852 22.14 1.68 -38.11
C SER A 852 23.42 2.21 -37.42
N THR A 853 23.28 3.29 -36.65
CA THR A 853 24.47 3.93 -36.08
C THR A 853 24.80 3.53 -34.64
N SER A 854 23.83 3.00 -33.90
CA SER A 854 24.08 2.62 -32.51
C SER A 854 24.53 1.17 -32.41
N HIS A 855 25.80 0.97 -32.09
CA HIS A 855 26.37 -0.36 -32.02
C HIS A 855 26.02 -1.06 -30.72
N SER A 856 25.53 -0.30 -29.75
CA SER A 856 25.22 -0.84 -28.43
C SER A 856 23.79 -1.34 -28.28
N LEU A 857 22.88 -0.82 -29.11
CA LEU A 857 21.47 -1.20 -28.97
C LEU A 857 21.22 -2.53 -29.68
N THR A 858 20.93 -3.57 -28.88
CA THR A 858 20.79 -4.92 -29.42
C THR A 858 19.38 -5.50 -29.26
N ARG A 859 18.58 -4.91 -28.37
CA ARG A 859 17.21 -5.40 -28.17
C ARG A 859 16.23 -4.26 -28.35
N LEU A 860 15.33 -4.38 -29.32
CA LEU A 860 14.37 -3.31 -29.57
C LEU A 860 12.96 -3.85 -29.66
N TYR A 861 12.09 -3.36 -28.78
CA TYR A 861 10.70 -3.80 -28.78
C TYR A 861 9.76 -2.65 -29.12
N VAL A 862 9.15 -2.72 -30.31
CA VAL A 862 8.29 -1.65 -30.79
C VAL A 862 6.89 -2.12 -31.15
N GLY A 863 6.45 -3.21 -30.57
CA GLY A 863 5.13 -3.74 -30.87
C GLY A 863 4.04 -2.91 -30.22
N GLU A 864 2.80 -3.25 -30.53
CA GLU A 864 1.62 -2.53 -30.05
C GLU A 864 1.62 -1.07 -30.46
N ASN A 865 2.06 -0.80 -31.68
CA ASN A 865 2.07 0.54 -32.26
C ASN A 865 1.47 0.46 -33.66
N ALA A 866 1.40 1.58 -34.36
CA ALA A 866 0.84 1.58 -35.72
C ALA A 866 1.95 1.58 -36.76
N LEU A 867 3.01 0.83 -36.51
CA LEU A 867 4.13 0.79 -37.44
C LEU A 867 3.83 -0.23 -38.53
N GLY A 868 2.91 0.13 -39.42
CA GLY A 868 2.39 -0.79 -40.41
C GLY A 868 3.45 -1.16 -41.44
N ASP A 869 3.03 -1.80 -42.53
CA ASP A 869 3.95 -2.34 -43.51
C ASP A 869 4.84 -1.28 -44.16
N SER A 870 4.33 -0.06 -44.28
CA SER A 870 5.10 1.03 -44.86
C SER A 870 6.16 1.55 -43.90
N GLY A 871 6.04 1.15 -42.63
CA GLY A 871 6.95 1.59 -41.59
C GLY A 871 8.02 0.53 -41.32
N VAL A 872 7.60 -0.72 -41.23
CA VAL A 872 8.54 -1.80 -40.94
C VAL A 872 9.57 -1.91 -42.04
N ALA A 873 9.16 -1.57 -43.27
CA ALA A 873 10.07 -1.60 -44.40
C ALA A 873 11.28 -0.70 -44.18
N ILE A 874 11.08 0.41 -43.47
CA ILE A 874 12.17 1.35 -43.20
C ILE A 874 13.12 0.75 -42.18
N LEU A 875 12.56 0.17 -41.12
CA LEU A 875 13.36 -0.47 -40.10
C LEU A 875 14.14 -1.63 -40.70
N CYS A 876 13.49 -2.37 -41.60
CA CYS A 876 14.12 -3.52 -42.23
C CYS A 876 15.27 -3.11 -43.14
N GLU A 877 15.10 -2.04 -43.90
CA GLU A 877 16.15 -1.62 -44.81
C GLU A 877 17.45 -1.34 -44.07
N LYS A 878 17.36 -0.76 -42.87
CA LYS A 878 18.57 -0.48 -42.11
C LYS A 878 19.01 -1.70 -41.28
N ALA A 879 18.05 -2.46 -40.76
CA ALA A 879 18.36 -3.65 -39.97
C ALA A 879 19.01 -4.72 -40.84
N LYS A 880 18.72 -4.67 -42.14
CA LYS A 880 19.29 -5.57 -43.13
C LYS A 880 20.81 -5.48 -43.17
N ASN A 881 21.36 -4.31 -42.84
CA ASN A 881 22.79 -4.11 -42.90
C ASN A 881 23.49 -5.10 -41.96
N PRO A 882 24.43 -5.91 -42.46
CA PRO A 882 25.11 -6.99 -41.75
C PRO A 882 25.94 -6.49 -40.57
N GLN A 883 26.16 -5.18 -40.49
CA GLN A 883 26.93 -4.60 -39.40
C GLN A 883 26.04 -4.13 -38.26
N CYS A 884 24.73 -4.30 -38.41
CA CYS A 884 23.79 -3.94 -37.35
C CYS A 884 23.83 -5.03 -36.28
N ASN A 885 23.90 -4.64 -35.01
CA ASN A 885 24.04 -5.60 -33.93
C ASN A 885 22.73 -6.06 -33.33
N LEU A 886 21.61 -5.68 -33.94
CA LEU A 886 20.30 -6.04 -33.44
C LEU A 886 20.16 -7.56 -33.32
N GLN A 887 19.79 -8.02 -32.12
CA GLN A 887 19.62 -9.45 -31.87
C GLN A 887 18.16 -9.85 -31.66
N LYS A 888 17.38 -8.99 -31.03
CA LYS A 888 15.98 -9.31 -30.77
C LYS A 888 15.07 -8.20 -31.27
N LEU A 889 14.08 -8.56 -32.08
CA LEU A 889 13.17 -7.55 -32.61
C LEU A 889 11.70 -7.91 -32.36
N GLY A 890 11.04 -7.07 -31.57
CA GLY A 890 9.66 -7.33 -31.14
C GLY A 890 8.58 -6.64 -31.99
N LEU A 891 8.51 -6.98 -33.27
CA LEU A 891 7.44 -6.45 -34.13
C LEU A 891 6.18 -7.26 -33.95
N VAL A 892 5.58 -7.12 -32.77
CA VAL A 892 4.50 -8.00 -32.36
C VAL A 892 3.13 -7.65 -32.95
N ASN A 893 2.60 -6.51 -32.58
CA ASN A 893 1.24 -6.17 -33.00
C ASN A 893 1.19 -4.84 -33.72
N SER A 894 1.96 -4.75 -34.79
CA SER A 894 2.07 -3.52 -35.56
C SER A 894 1.06 -3.46 -36.70
N GLY A 895 0.29 -4.53 -36.87
CA GLY A 895 -0.67 -4.59 -37.96
C GLY A 895 0.02 -4.85 -39.28
N LEU A 896 1.07 -5.66 -39.27
CA LEU A 896 1.80 -5.95 -40.48
C LEU A 896 1.02 -6.91 -41.34
N THR A 897 1.20 -6.80 -42.65
CA THR A 897 0.59 -7.72 -43.59
C THR A 897 1.64 -8.41 -44.43
N SER A 898 1.22 -9.40 -45.21
CA SER A 898 2.14 -10.24 -45.97
C SER A 898 3.02 -9.46 -46.92
N VAL A 899 2.58 -8.28 -47.34
CA VAL A 899 3.33 -7.48 -48.29
C VAL A 899 4.70 -7.08 -47.74
N CYS A 900 4.85 -7.06 -46.42
CA CYS A 900 6.11 -6.65 -45.81
C CYS A 900 7.01 -7.82 -45.47
N CYS A 901 6.52 -9.05 -45.67
CA CYS A 901 7.29 -10.20 -45.25
C CYS A 901 8.55 -10.37 -46.09
N SER A 902 8.55 -9.77 -47.27
CA SER A 902 9.73 -9.81 -48.12
C SER A 902 10.84 -8.95 -47.53
N ALA A 903 10.46 -7.95 -46.72
CA ALA A 903 11.44 -7.10 -46.09
C ALA A 903 12.05 -7.83 -44.91
N LEU A 904 11.22 -8.56 -44.18
CA LEU A 904 11.68 -9.36 -43.05
C LEU A 904 12.59 -10.47 -43.56
N SER A 905 12.24 -11.02 -44.73
CA SER A 905 13.02 -12.07 -45.35
C SER A 905 14.44 -11.59 -45.66
N SER A 906 14.54 -10.38 -46.23
CA SER A 906 15.85 -9.82 -46.56
C SER A 906 16.71 -9.65 -45.31
N VAL A 907 16.10 -9.21 -44.22
CA VAL A 907 16.83 -9.05 -42.97
C VAL A 907 17.31 -10.38 -42.43
N LEU A 908 16.43 -11.39 -42.43
CA LEU A 908 16.81 -12.70 -41.94
C LEU A 908 17.97 -13.30 -42.72
N SER A 909 17.94 -13.10 -44.03
CA SER A 909 18.98 -13.62 -44.92
C SER A 909 20.34 -12.93 -44.71
N THR A 910 20.34 -11.60 -44.60
CA THR A 910 21.58 -10.84 -44.52
C THR A 910 22.11 -10.63 -43.11
N ASN A 911 21.23 -10.33 -42.17
CA ASN A 911 21.65 -10.02 -40.81
C ASN A 911 21.86 -11.31 -40.00
N GLN A 912 23.11 -11.64 -39.74
CA GLN A 912 23.44 -12.89 -39.06
C GLN A 912 23.44 -12.74 -37.55
N ASN A 913 23.12 -11.53 -37.07
CA ASN A 913 23.09 -11.28 -35.64
C ASN A 913 21.71 -11.52 -35.07
N LEU A 914 20.68 -11.30 -35.89
CA LEU A 914 19.30 -11.46 -35.42
C LEU A 914 19.03 -12.91 -35.03
N THR A 915 18.59 -13.12 -33.79
CA THR A 915 18.30 -14.48 -33.30
C THR A 915 16.85 -14.68 -32.85
N HIS A 916 16.14 -13.59 -32.54
CA HIS A 916 14.76 -13.73 -32.06
C HIS A 916 13.82 -12.76 -32.78
N LEU A 917 12.75 -13.30 -33.34
CA LEU A 917 11.76 -12.49 -34.04
C LEU A 917 10.35 -12.83 -33.58
N TYR A 918 9.62 -11.84 -33.10
CA TYR A 918 8.28 -12.08 -32.54
C TYR A 918 7.20 -11.42 -33.39
N LEU A 919 6.41 -12.20 -34.11
CA LEU A 919 5.41 -11.63 -35.02
C LEU A 919 3.96 -11.87 -34.60
N ARG A 920 3.74 -12.33 -33.38
CA ARG A 920 2.38 -12.64 -32.96
C ARG A 920 1.48 -11.42 -32.97
N GLY A 921 0.30 -11.55 -33.58
CA GLY A 921 -0.66 -10.45 -33.61
C GLY A 921 -0.79 -9.79 -34.99
N ASN A 922 0.15 -10.06 -35.88
CA ASN A 922 0.07 -9.51 -37.22
C ASN A 922 -0.89 -10.35 -38.04
N THR A 923 -1.12 -9.97 -39.31
CA THR A 923 -1.97 -10.76 -40.19
C THR A 923 -1.19 -11.15 -41.43
N LEU A 924 -0.55 -12.31 -41.39
CA LEU A 924 0.40 -12.66 -42.44
C LEU A 924 -0.20 -13.66 -43.42
N GLY A 925 -0.98 -14.59 -42.89
CA GLY A 925 -1.58 -15.62 -43.72
C GLY A 925 -0.54 -16.56 -44.27
N ASP A 926 -0.91 -17.35 -45.26
CA ASP A 926 0.00 -18.33 -45.83
C ASP A 926 1.01 -17.65 -46.75
N LYS A 927 0.64 -16.52 -47.34
CA LYS A 927 1.55 -15.83 -48.23
C LYS A 927 2.73 -15.27 -47.46
N GLY A 928 2.46 -14.73 -46.27
CA GLY A 928 3.52 -14.20 -45.44
C GLY A 928 4.47 -15.30 -45.00
N ILE A 929 3.93 -16.48 -44.68
CA ILE A 929 4.78 -17.59 -44.27
C ILE A 929 5.70 -18.00 -45.41
N LYS A 930 5.17 -18.07 -46.63
CA LYS A 930 5.99 -18.46 -47.76
C LYS A 930 7.16 -17.50 -47.96
N LEU A 931 6.89 -16.20 -47.86
CA LEU A 931 7.96 -15.21 -48.02
C LEU A 931 9.00 -15.33 -46.91
N LEU A 932 8.53 -15.52 -45.67
CA LEU A 932 9.46 -15.65 -44.56
C LEU A 932 10.32 -16.88 -44.75
N CYS A 933 9.71 -17.97 -45.22
CA CYS A 933 10.43 -19.22 -45.42
C CYS A 933 11.56 -19.08 -46.42
N GLU A 934 11.36 -18.26 -47.45
CA GLU A 934 12.43 -18.06 -48.43
C GLU A 934 13.67 -17.50 -47.74
N GLY A 935 13.45 -16.61 -46.77
CA GLY A 935 14.55 -16.04 -45.99
C GLY A 935 15.05 -17.01 -44.92
N LEU A 936 14.13 -17.66 -44.22
CA LEU A 936 14.46 -18.55 -43.11
C LEU A 936 15.26 -19.76 -43.56
N LEU A 937 14.99 -20.23 -44.77
CA LEU A 937 15.65 -21.41 -45.32
C LEU A 937 17.01 -21.09 -45.91
N HIS A 938 17.40 -19.82 -45.89
CA HIS A 938 18.69 -19.40 -46.39
C HIS A 938 19.78 -19.99 -45.48
N PRO A 939 20.90 -20.49 -46.03
CA PRO A 939 21.99 -21.10 -45.30
C PRO A 939 22.66 -20.18 -44.27
N ASP A 940 22.52 -18.87 -44.43
CA ASP A 940 23.14 -17.95 -43.48
C ASP A 940 22.14 -17.44 -42.43
N CYS A 941 20.94 -18.01 -42.41
CA CYS A 941 19.96 -17.59 -41.42
C CYS A 941 20.26 -18.20 -40.06
N LYS A 942 20.39 -17.36 -39.03
CA LYS A 942 20.75 -17.82 -37.71
C LYS A 942 19.60 -17.68 -36.72
N LEU A 943 18.40 -17.40 -37.21
CA LEU A 943 17.26 -17.20 -36.32
C LEU A 943 17.04 -18.44 -35.48
N GLN A 944 16.93 -18.26 -34.16
CA GLN A 944 16.73 -19.39 -33.26
C GLN A 944 15.29 -19.49 -32.81
N VAL A 945 14.67 -18.35 -32.57
CA VAL A 945 13.29 -18.33 -32.11
C VAL A 945 12.36 -17.57 -33.02
N LEU A 946 11.37 -18.27 -33.55
CA LEU A 946 10.35 -17.63 -34.37
C LEU A 946 8.99 -17.82 -33.72
N GLU A 947 8.37 -16.72 -33.34
CA GLU A 947 7.07 -16.80 -32.67
C GLU A 947 5.95 -16.39 -33.62
N LEU A 948 5.01 -17.30 -33.83
CA LEU A 948 3.90 -17.08 -34.75
C LEU A 948 2.55 -17.43 -34.12
N ASP A 949 2.08 -16.58 -33.23
CA ASP A 949 0.76 -16.77 -32.65
C ASP A 949 -0.23 -16.26 -33.66
N ASN A 950 -1.50 -16.30 -33.33
CA ASN A 950 -2.54 -15.88 -34.28
C ASN A 950 -2.01 -14.91 -35.32
N CYS A 951 -1.65 -15.44 -36.49
CA CYS A 951 -1.26 -14.64 -37.64
C CYS A 951 -2.21 -14.93 -38.79
N ASN A 952 -3.41 -15.38 -38.45
CA ASN A 952 -4.42 -15.75 -39.45
C ASN A 952 -3.88 -16.80 -40.41
N LEU A 953 -3.22 -17.82 -39.88
CA LEU A 953 -2.66 -18.88 -40.71
C LEU A 953 -3.67 -19.99 -40.96
N THR A 954 -3.50 -20.67 -42.08
CA THR A 954 -4.32 -21.80 -42.46
C THR A 954 -3.44 -23.00 -42.78
N SER A 955 -4.07 -24.15 -43.01
CA SER A 955 -3.34 -25.39 -43.26
C SER A 955 -2.50 -25.36 -44.52
N HIS A 956 -2.76 -24.40 -45.39
CA HIS A 956 -2.05 -24.28 -46.65
C HIS A 956 -0.59 -23.90 -46.45
N CYS A 957 -0.27 -23.40 -45.26
CA CYS A 957 1.10 -22.99 -44.97
C CYS A 957 1.92 -24.10 -44.33
N CYS A 958 1.29 -25.25 -44.07
CA CYS A 958 1.97 -26.33 -43.37
C CYS A 958 3.08 -26.95 -44.19
N TRP A 959 2.98 -26.90 -45.51
CA TRP A 959 4.04 -27.46 -46.35
C TRP A 959 5.33 -26.66 -46.19
N ASP A 960 5.18 -25.36 -45.98
CA ASP A 960 6.33 -24.48 -45.86
C ASP A 960 6.87 -24.53 -44.43
N LEU A 961 5.97 -24.65 -43.45
CA LEU A 961 6.40 -24.77 -42.07
C LEU A 961 7.09 -26.12 -41.89
N SER A 962 6.58 -27.14 -42.57
CA SER A 962 7.16 -28.47 -42.53
C SER A 962 8.58 -28.44 -43.06
N THR A 963 8.77 -27.70 -44.15
CA THR A 963 10.08 -27.54 -44.74
C THR A 963 11.05 -26.94 -43.73
N LEU A 964 10.62 -25.91 -43.01
CA LEU A 964 11.48 -25.28 -42.03
C LEU A 964 11.93 -26.28 -40.98
N LEU A 965 11.00 -27.13 -40.54
CA LEU A 965 11.28 -28.06 -39.46
C LEU A 965 12.41 -29.03 -39.79
N THR A 966 12.53 -29.46 -41.04
CA THR A 966 13.58 -30.41 -41.39
C THR A 966 14.77 -29.77 -42.14
N SER A 967 14.55 -28.64 -42.80
CA SER A 967 15.62 -28.01 -43.56
C SER A 967 16.45 -27.03 -42.74
N SER A 968 15.84 -26.41 -41.74
CA SER A 968 16.55 -25.44 -40.92
C SER A 968 17.59 -26.13 -40.05
N GLN A 969 18.73 -25.48 -39.88
CA GLN A 969 19.77 -26.02 -39.02
C GLN A 969 19.92 -25.20 -37.74
N SER A 970 19.40 -23.97 -37.77
CA SER A 970 19.59 -23.03 -36.68
C SER A 970 18.34 -22.73 -35.86
N LEU A 971 17.16 -23.09 -36.36
CA LEU A 971 15.92 -22.80 -35.64
C LEU A 971 15.77 -23.77 -34.47
N ARG A 972 15.44 -23.26 -33.29
CA ARG A 972 15.30 -24.12 -32.12
C ARG A 972 13.87 -24.16 -31.59
N LYS A 973 13.18 -23.02 -31.70
CA LYS A 973 11.80 -22.92 -31.23
C LYS A 973 10.90 -22.42 -32.36
N LEU A 974 9.67 -22.91 -32.40
CA LEU A 974 8.69 -22.44 -33.38
C LEU A 974 7.32 -22.42 -32.73
N SER A 975 6.98 -21.28 -32.14
CA SER A 975 5.80 -21.19 -31.32
C SER A 975 4.55 -20.89 -32.12
N LEU A 976 4.06 -21.88 -32.87
CA LEU A 976 2.82 -21.69 -33.60
C LEU A 976 1.71 -21.60 -32.56
N GLY A 977 0.89 -20.56 -32.62
CA GLY A 977 -0.12 -20.32 -31.60
C GLY A 977 -1.55 -20.51 -32.08
N ASN A 978 -2.42 -19.59 -31.66
CA ASN A 978 -3.85 -19.70 -31.87
C ASN A 978 -4.26 -19.38 -33.29
N ASN A 979 -4.18 -20.37 -34.17
CA ASN A 979 -4.58 -20.20 -35.56
C ASN A 979 -5.15 -21.51 -36.10
N ASP A 980 -5.77 -21.46 -37.27
CA ASP A 980 -6.36 -22.68 -37.83
C ASP A 980 -5.32 -23.46 -38.62
N LEU A 981 -4.35 -23.99 -37.89
CA LEU A 981 -3.24 -24.73 -38.48
C LEU A 981 -3.75 -26.02 -39.14
N GLY A 982 -4.71 -26.67 -38.49
CA GLY A 982 -5.29 -27.90 -38.99
C GLY A 982 -4.70 -29.14 -38.32
N ASP A 983 -5.52 -30.19 -38.22
CA ASP A 983 -5.10 -31.44 -37.62
C ASP A 983 -4.18 -32.19 -38.55
N LEU A 984 -4.49 -32.13 -39.85
CA LEU A 984 -3.67 -32.77 -40.87
C LEU A 984 -2.30 -32.13 -40.92
N GLY A 985 -2.27 -30.82 -40.70
CA GLY A 985 -1.03 -30.05 -40.67
C GLY A 985 -0.12 -30.58 -39.56
N VAL A 986 -0.68 -30.72 -38.37
CA VAL A 986 0.07 -31.23 -37.24
C VAL A 986 0.55 -32.66 -37.46
N MET A 987 -0.29 -33.50 -38.05
CA MET A 987 0.12 -34.86 -38.34
C MET A 987 1.33 -34.86 -39.27
N MET A 988 1.34 -33.95 -40.24
CA MET A 988 2.48 -33.82 -41.15
C MET A 988 3.73 -33.51 -40.34
N PHE A 989 3.62 -32.55 -39.43
CA PHE A 989 4.76 -32.16 -38.61
C PHE A 989 5.26 -33.33 -37.78
N CYS A 990 4.34 -34.08 -37.19
CA CYS A 990 4.72 -35.21 -36.35
C CYS A 990 5.61 -36.19 -37.09
N GLU A 991 5.29 -36.45 -38.36
CA GLU A 991 6.07 -37.40 -39.16
C GLU A 991 7.45 -36.86 -39.55
N VAL A 992 7.52 -35.59 -39.91
CA VAL A 992 8.78 -35.01 -40.37
C VAL A 992 9.72 -34.65 -39.22
N LEU A 993 9.14 -34.31 -38.06
CA LEU A 993 9.94 -33.94 -36.88
C LEU A 993 10.84 -35.07 -36.40
N LYS A 994 10.50 -36.29 -36.79
CA LYS A 994 11.27 -37.46 -36.37
C LYS A 994 12.53 -37.63 -37.21
N GLN A 995 12.61 -36.91 -38.33
CA GLN A 995 13.74 -37.06 -39.24
C GLN A 995 14.88 -36.12 -38.88
N GLN A 996 15.47 -36.36 -37.72
CA GLN A 996 16.60 -35.58 -37.22
C GLN A 996 16.32 -34.07 -37.21
N SER A 997 15.19 -33.68 -36.66
CA SER A 997 14.83 -32.26 -36.57
C SER A 997 15.77 -31.51 -35.63
N CYS A 998 16.04 -30.25 -35.95
CA CYS A 998 16.89 -29.41 -35.12
C CYS A 998 16.09 -28.69 -34.04
N LEU A 999 14.77 -28.86 -34.08
CA LEU A 999 13.91 -28.20 -33.10
C LEU A 999 13.98 -28.93 -31.77
N LEU A 1000 14.28 -28.17 -30.73
CA LEU A 1000 14.42 -28.75 -29.39
C LEU A 1000 13.46 -28.12 -28.42
N GLN A 1001 12.95 -26.95 -28.76
CA GLN A 1001 12.10 -26.18 -27.88
C GLN A 1001 10.66 -26.19 -28.34
N ASN A 1002 9.81 -25.48 -27.61
CA ASN A 1002 8.38 -25.45 -27.83
C ASN A 1002 8.01 -25.39 -29.32
N LEU A 1003 7.08 -26.26 -29.71
CA LEU A 1003 6.53 -26.26 -31.07
C LEU A 1003 5.16 -25.60 -31.09
N GLY A 1004 4.79 -25.01 -29.96
CA GLY A 1004 3.49 -24.36 -29.83
C GLY A 1004 2.33 -25.34 -29.97
N LEU A 1005 1.42 -25.04 -30.88
CA LEU A 1005 0.22 -25.82 -31.13
C LEU A 1005 -0.77 -25.68 -29.98
N SER A 1006 -0.60 -24.61 -29.20
CA SER A 1006 -1.48 -24.29 -28.10
C SER A 1006 -2.69 -23.51 -28.57
N GLU A 1007 -3.69 -23.39 -27.70
CA GLU A 1007 -4.89 -22.60 -27.98
C GLU A 1007 -5.59 -23.04 -29.26
N MET A 1008 -5.53 -24.33 -29.54
CA MET A 1008 -6.21 -24.91 -30.68
C MET A 1008 -6.65 -26.30 -30.27
N TYR A 1009 -7.61 -26.87 -30.98
CA TYR A 1009 -8.09 -28.18 -30.57
C TYR A 1009 -7.96 -29.21 -31.66
N PHE A 1010 -7.74 -30.45 -31.23
CA PHE A 1010 -7.54 -31.56 -32.14
C PHE A 1010 -8.44 -32.73 -31.79
N ASN A 1011 -8.58 -33.66 -32.73
CA ASN A 1011 -9.32 -34.88 -32.48
C ASN A 1011 -8.49 -35.87 -31.68
N TYR A 1012 -9.08 -37.02 -31.38
CA TYR A 1012 -8.43 -38.02 -30.54
C TYR A 1012 -7.12 -38.55 -31.12
N GLU A 1013 -7.16 -38.95 -32.38
CA GLU A 1013 -6.00 -39.55 -33.03
C GLU A 1013 -4.82 -38.60 -33.10
N THR A 1014 -5.10 -37.33 -33.38
CA THR A 1014 -4.05 -36.32 -33.47
C THR A 1014 -3.40 -36.10 -32.11
N LYS A 1015 -4.21 -35.99 -31.07
CA LYS A 1015 -3.69 -35.81 -29.73
C LYS A 1015 -2.83 -36.99 -29.31
N SER A 1016 -3.27 -38.19 -29.68
CA SER A 1016 -2.52 -39.40 -29.37
C SER A 1016 -1.17 -39.36 -30.07
N ALA A 1017 -1.14 -38.95 -31.33
CA ALA A 1017 0.08 -38.82 -32.09
C ALA A 1017 1.06 -37.85 -31.43
N LEU A 1018 0.49 -36.72 -30.94
CA LEU A 1018 1.36 -35.72 -30.27
C LEU A 1018 1.92 -36.25 -28.97
N GLU A 1019 1.12 -36.97 -28.19
CA GLU A 1019 1.61 -37.55 -26.95
C GLU A 1019 2.69 -38.58 -27.26
N THR A 1020 2.46 -39.35 -28.33
CA THR A 1020 3.42 -40.35 -28.76
C THR A 1020 4.74 -39.69 -29.16
N LEU A 1021 4.65 -38.60 -29.92
CA LEU A 1021 5.83 -37.86 -30.35
C LEU A 1021 6.68 -37.46 -29.16
N GLN A 1022 6.02 -36.98 -28.10
CA GLN A 1022 6.72 -36.55 -26.90
C GLN A 1022 7.52 -37.68 -26.26
N GLU A 1023 6.97 -38.89 -26.26
CA GLU A 1023 7.64 -40.03 -25.65
C GLU A 1023 8.69 -40.66 -26.57
N GLU A 1024 8.40 -40.71 -27.86
CA GLU A 1024 9.31 -41.32 -28.83
C GLU A 1024 10.58 -40.53 -29.03
N LYS A 1025 10.49 -39.20 -28.96
CA LYS A 1025 11.65 -38.33 -29.17
C LYS A 1025 11.87 -37.34 -28.03
N PRO A 1026 12.48 -37.77 -26.90
CA PRO A 1026 12.73 -37.03 -25.67
C PRO A 1026 13.53 -35.76 -25.90
N GLU A 1027 14.23 -35.69 -27.04
CA GLU A 1027 15.03 -34.53 -27.37
C GLU A 1027 14.20 -33.26 -27.43
N LEU A 1028 12.91 -33.40 -27.71
CA LEU A 1028 12.03 -32.25 -27.76
C LEU A 1028 11.53 -31.90 -26.37
N THR A 1029 11.89 -30.71 -25.90
CA THR A 1029 11.58 -30.29 -24.55
C THR A 1029 10.14 -30.62 -24.18
N VAL A 1030 9.20 -29.86 -24.74
CA VAL A 1030 7.78 -30.13 -24.54
C VAL A 1030 6.98 -29.85 -25.82
N VAL A 1031 6.04 -30.74 -26.15
CA VAL A 1031 5.13 -30.55 -27.29
C VAL A 1031 4.07 -29.49 -27.02
N PHE A 1032 3.53 -29.49 -25.81
CA PHE A 1032 2.49 -28.54 -25.36
C PHE A 1032 1.12 -28.77 -25.99
N GLU A 1033 0.61 -29.98 -25.85
CA GLU A 1033 -0.74 -30.28 -26.32
C GLU A 1033 -1.73 -29.39 -25.57
N PRO A 1034 -2.84 -28.99 -26.22
CA PRO A 1034 -3.87 -28.10 -25.71
C PRO A 1034 -4.64 -28.68 -24.51
N SER A 1035 -4.59 -30.00 -24.34
CA SER A 1035 -5.29 -30.65 -23.24
C SER A 1035 -4.89 -32.11 -23.12
PG ATP B . -10.10 5.86 19.40
O1G ATP B . -9.30 5.20 20.44
O2G ATP B . -9.67 5.29 17.95
O3G ATP B . -11.63 5.48 19.64
PB ATP B . -8.79 8.08 18.53
O1B ATP B . -7.77 7.06 18.19
O2B ATP B . -9.45 8.53 17.16
O3B ATP B . -9.92 7.47 19.51
PA ATP B . -8.98 10.54 19.56
O1A ATP B . -9.66 10.30 20.84
O2A ATP B . -10.10 10.72 18.44
O3A ATP B . -8.00 9.31 19.22
O5' ATP B . -8.13 11.92 19.63
C5' ATP B . -7.73 12.31 20.96
C4' ATP B . -7.23 13.77 20.90
O4' ATP B . -6.99 14.14 19.52
C3' ATP B . -8.29 14.78 21.43
O3' ATP B . -8.09 15.05 22.82
C2' ATP B . -8.00 16.05 20.62
O2' ATP B . -7.08 16.86 21.34
C1' ATP B . -7.40 15.53 19.30
N9 ATP B . -8.39 15.58 18.19
C8 ATP B . -8.60 14.58 17.27
N7 ATP B . -9.16 15.04 16.20
C5 ATP B . -9.36 16.37 16.34
C6 ATP B . -9.91 17.38 15.51
N6 ATP B . -10.37 17.06 14.25
N1 ATP B . -10.00 18.64 15.97
C2 ATP B . -9.54 18.96 17.20
N3 ATP B . -9.00 18.03 18.01
C4 ATP B . -8.88 16.74 17.62
N1 A1BLQ C . 2.33 0.01 9.51
N3 A1BLQ C . 1.31 3.86 11.30
C4 A1BLQ C . 2.10 2.03 7.44
C5 A1BLQ C . 1.93 2.38 8.91
C6 A1BLQ C . 1.41 1.14 9.67
C7 A1BLQ C . 1.04 4.39 10.12
C8 A1BLQ C . 1.02 5.90 12.37
C10 A1BLQ C . -0.09 6.97 14.33
C13 A1BLQ C . 2.33 7.24 15.63
C15 A1BLQ C . 1.27 8.32 17.59
C17 A1BLQ C . 0.40 8.01 11.14
C20 A1BLQ C . 0.41 6.38 8.66
C21 A1BLQ C . 0.72 5.77 10.01
C1 A1BLQ C . 1.96 -1.16 10.34
C2 A1BLQ C . 2.46 -0.36 8.08
C3 A1BLQ C . 3.01 0.81 7.27
N2 A1BLQ C . 1.03 3.53 9.06
N4 A1BLQ C . 1.31 4.60 12.40
C9 A1BLQ C . 1.06 6.53 13.70
C11 A1BLQ C . -0.04 7.56 15.59
C12 A1BLQ C . 1.17 7.69 16.24
C14 A1BLQ C . 2.26 6.66 14.38
O1 A1BLQ C . 3.40 6.20 13.76
F1 A1BLQ C . 0.13 8.47 18.20
F2 A1BLQ C . 1.80 9.51 17.56
F3 A1BLQ C . 2.02 7.64 18.41
C16 A1BLQ C . 0.73 6.53 11.17
C18 A1BLQ C . 0.60 8.61 9.75
C19 A1BLQ C . -0.18 7.79 8.75
H8 A1BLQ C . 1.12 1.82 7.00
H9 A1BLQ C . 2.51 2.88 6.89
H10 A1BLQ C . 2.91 2.65 9.31
H11 A1BLQ C . 1.32 1.36 10.73
H12 A1BLQ C . 0.42 0.87 9.30
H14 A1BLQ C . -1.04 6.88 13.82
H16 A1BLQ C . 3.28 7.34 16.13
H19 A1BLQ C . 1.04 8.54 11.85
H18 A1BLQ C . -0.63 8.15 11.46
H25 A1BLQ C . -0.28 5.73 8.11
H24 A1BLQ C . 1.34 6.41 8.08
H3 A1BLQ C . 0.98 -1.52 10.04
H1 A1BLQ C . 1.93 -0.85 11.38
H2 A1BLQ C . 2.70 -1.94 10.22
H5 A1BLQ C . 1.47 -0.65 7.69
H4 A1BLQ C . 3.12 -1.22 7.98
H6 A1BLQ C . 3.09 0.54 6.22
H7 A1BLQ C . 4.01 1.06 7.62
H13 A1BLQ C . 0.29 3.62 8.39
H15 A1BLQ C . -0.96 7.91 16.04
H17 A1BLQ C . 3.83 6.90 13.24
H20 A1BLQ C . 1.66 8.61 9.49
H21 A1BLQ C . 0.26 9.65 9.74
H23 A1BLQ C . -1.22 7.73 9.05
H22 A1BLQ C . -0.16 8.26 7.77
#